data_1IE6
#
_entry.id   1IE6
#
_entity_poly.entity_id   1
_entity_poly.type   'polypeptide(L)'
_entity_poly.pdbx_seq_one_letter_code
;GDCLPHLKRCKADNDCCGKKCKRRGTNAEKRCR
;
_entity_poly.pdbx_strand_id   A
#
# COMPACT_ATOMS: atom_id res chain seq x y z
N GLY A 1 -5.51 -10.35 -10.29
CA GLY A 1 -4.92 -8.99 -10.45
C GLY A 1 -5.89 -7.95 -9.89
N ASP A 2 -5.50 -7.25 -8.86
CA ASP A 2 -6.39 -6.23 -8.25
C ASP A 2 -5.60 -5.37 -7.25
N CYS A 3 -5.55 -4.09 -7.47
CA CYS A 3 -4.81 -3.21 -6.53
C CYS A 3 -5.69 -2.80 -5.36
N LEU A 4 -5.09 -2.49 -4.24
CA LEU A 4 -5.89 -2.08 -3.06
C LEU A 4 -6.21 -0.59 -3.13
N PRO A 5 -7.16 -0.16 -2.37
CA PRO A 5 -7.58 1.27 -2.34
C PRO A 5 -6.44 2.15 -1.81
N HIS A 6 -6.64 3.44 -1.77
CA HIS A 6 -5.59 4.34 -1.28
C HIS A 6 -5.73 4.58 0.23
N LEU A 7 -6.26 3.62 0.93
CA LEU A 7 -6.42 3.78 2.39
C LEU A 7 -6.63 2.44 3.10
N LYS A 8 -6.37 1.33 2.46
CA LYS A 8 -6.56 0.03 3.15
C LYS A 8 -5.21 -0.68 3.32
N ARG A 9 -5.10 -1.52 4.31
CA ARG A 9 -3.82 -2.24 4.55
C ARG A 9 -3.27 -2.82 3.25
N CYS A 10 -1.97 -2.79 3.07
CA CYS A 10 -1.37 -3.37 1.82
C CYS A 10 -0.23 -4.32 2.18
N LYS A 11 -0.23 -5.50 1.64
CA LYS A 11 0.85 -6.49 1.95
C LYS A 11 2.10 -6.21 1.13
N ALA A 12 2.03 -5.30 0.19
CA ALA A 12 3.23 -4.99 -0.65
C ALA A 12 3.19 -3.55 -1.16
N ASP A 13 4.33 -2.99 -1.44
CA ASP A 13 4.37 -1.59 -1.95
C ASP A 13 3.50 -1.45 -3.19
N ASN A 14 3.64 -2.34 -4.13
CA ASN A 14 2.82 -2.26 -5.37
C ASN A 14 1.51 -3.06 -5.22
N ASP A 15 0.84 -2.91 -4.11
CA ASP A 15 -0.45 -3.67 -3.93
C ASP A 15 -1.62 -2.70 -3.98
N CYS A 16 -1.39 -1.46 -3.65
CA CYS A 16 -2.49 -0.44 -3.66
C CYS A 16 -2.74 0.01 -5.10
N CYS A 17 -3.79 0.74 -5.31
CA CYS A 17 -4.08 1.24 -6.69
C CYS A 17 -3.25 2.48 -6.96
N GLY A 18 -2.61 3.01 -5.94
CA GLY A 18 -1.76 4.22 -6.13
C GLY A 18 -0.30 3.78 -6.25
N LYS A 19 -0.03 2.53 -6.03
CA LYS A 19 1.36 2.03 -6.11
C LYS A 19 2.20 2.71 -5.03
N LYS A 20 1.56 3.23 -4.03
CA LYS A 20 2.30 3.90 -2.93
C LYS A 20 1.76 3.43 -1.58
N CYS A 21 2.02 2.20 -1.25
CA CYS A 21 1.51 1.68 0.05
C CYS A 21 2.41 2.20 1.17
N LYS A 22 1.83 2.67 2.24
CA LYS A 22 2.67 3.18 3.36
C LYS A 22 3.21 2.02 4.19
N ARG A 23 4.18 2.28 5.02
CA ARG A 23 4.78 1.21 5.87
C ARG A 23 5.45 1.81 7.11
N ARG A 24 6.10 1.00 7.89
CA ARG A 24 6.79 1.54 9.10
C ARG A 24 8.28 1.76 8.81
N GLY A 25 8.59 2.47 7.76
CA GLY A 25 10.03 2.72 7.43
C GLY A 25 10.16 3.25 5.99
N THR A 26 10.58 2.42 5.08
CA THR A 26 10.74 2.86 3.66
C THR A 26 10.02 1.86 2.74
N ASN A 27 8.77 2.06 2.53
CA ASN A 27 7.98 1.13 1.67
C ASN A 27 8.07 -0.29 2.21
N ALA A 28 6.96 -0.86 2.57
CA ALA A 28 6.99 -2.25 3.10
C ALA A 28 5.61 -2.88 2.97
N GLU A 29 4.64 -2.35 3.67
CA GLU A 29 3.24 -2.89 3.60
C GLU A 29 2.39 -2.48 4.82
N LYS A 30 2.19 -1.21 5.06
CA LYS A 30 1.32 -0.85 6.22
C LYS A 30 -0.10 -0.58 5.70
N ARG A 31 -0.28 0.53 5.05
CA ARG A 31 -1.64 0.87 4.52
C ARG A 31 -1.51 1.78 3.29
N CYS A 32 -2.35 1.58 2.32
CA CYS A 32 -2.28 2.44 1.09
C CYS A 32 -2.35 3.93 1.47
N ARG A 33 -1.31 4.67 1.23
CA ARG A 33 -1.34 6.12 1.57
C ARG A 33 -0.56 6.93 0.53
N GLY A 1 -3.36 -5.20 -12.68
CA GLY A 1 -4.67 -5.90 -12.55
C GLY A 1 -5.47 -5.28 -11.41
N ASP A 2 -6.04 -6.09 -10.55
CA ASP A 2 -6.83 -5.53 -9.42
C ASP A 2 -5.88 -5.07 -8.30
N CYS A 3 -5.98 -3.84 -7.91
CA CYS A 3 -5.09 -3.32 -6.83
C CYS A 3 -5.92 -2.93 -5.60
N LEU A 4 -5.28 -2.68 -4.49
CA LEU A 4 -6.05 -2.28 -3.28
C LEU A 4 -6.31 -0.78 -3.29
N PRO A 5 -7.25 -0.37 -2.49
CA PRO A 5 -7.62 1.07 -2.41
C PRO A 5 -6.48 1.90 -1.82
N HIS A 6 -6.60 3.20 -1.86
CA HIS A 6 -5.53 4.07 -1.33
C HIS A 6 -5.78 4.40 0.15
N LEU A 7 -6.27 3.45 0.89
CA LEU A 7 -6.51 3.70 2.33
C LEU A 7 -6.65 2.39 3.12
N LYS A 8 -6.21 1.29 2.57
CA LYS A 8 -6.32 -0.01 3.31
C LYS A 8 -4.96 -0.66 3.45
N ARG A 9 -4.79 -1.54 4.40
CA ARG A 9 -3.47 -2.21 4.56
C ARG A 9 -3.17 -3.04 3.31
N CYS A 10 -1.93 -3.11 2.91
CA CYS A 10 -1.61 -3.89 1.67
C CYS A 10 -0.50 -4.91 1.95
N LYS A 11 -0.43 -5.94 1.15
CA LYS A 11 0.63 -6.97 1.34
C LYS A 11 1.91 -6.53 0.62
N ALA A 12 1.78 -5.64 -0.32
CA ALA A 12 2.98 -5.18 -1.07
C ALA A 12 2.84 -3.69 -1.43
N ASP A 13 3.91 -2.94 -1.34
CA ASP A 13 3.84 -1.50 -1.67
C ASP A 13 3.06 -1.27 -2.97
N ASN A 14 3.11 -2.20 -3.88
CA ASN A 14 2.38 -2.03 -5.17
C ASN A 14 0.95 -2.60 -5.09
N ASP A 15 0.69 -3.45 -4.13
CA ASP A 15 -0.69 -4.03 -4.03
C ASP A 15 -1.75 -2.93 -4.02
N CYS A 16 -1.40 -1.74 -3.62
CA CYS A 16 -2.40 -0.63 -3.59
C CYS A 16 -2.60 -0.07 -5.00
N CYS A 17 -3.67 0.64 -5.20
CA CYS A 17 -3.92 1.23 -6.55
C CYS A 17 -3.08 2.50 -6.72
N GLY A 18 -2.36 2.89 -5.70
CA GLY A 18 -1.52 4.11 -5.82
C GLY A 18 -0.06 3.70 -5.89
N LYS A 19 0.23 2.44 -5.71
CA LYS A 19 1.63 1.97 -5.76
C LYS A 19 2.45 2.67 -4.66
N LYS A 20 1.79 3.30 -3.74
CA LYS A 20 2.51 3.99 -2.64
C LYS A 20 1.95 3.57 -1.29
N CYS A 21 2.18 2.35 -0.91
CA CYS A 21 1.67 1.88 0.39
C CYS A 21 2.64 2.37 1.49
N LYS A 22 2.20 3.24 2.36
CA LYS A 22 3.13 3.76 3.40
C LYS A 22 3.27 2.75 4.56
N ARG A 23 4.46 2.66 5.12
CA ARG A 23 4.71 1.71 6.26
C ARG A 23 5.33 2.44 7.44
N ARG A 24 5.65 1.72 8.48
CA ARG A 24 6.29 2.34 9.68
C ARG A 24 6.96 1.24 10.51
N GLY A 25 7.74 0.41 9.89
CA GLY A 25 8.43 -0.69 10.64
C GLY A 25 8.97 -1.72 9.65
N THR A 26 10.18 -2.18 9.87
CA THR A 26 10.79 -3.18 8.96
C THR A 26 10.43 -2.90 7.50
N ASN A 27 10.64 -1.70 7.06
CA ASN A 27 10.33 -1.35 5.63
C ASN A 27 9.02 -1.98 5.19
N ALA A 28 8.93 -2.27 3.92
CA ALA A 28 7.70 -2.90 3.35
C ALA A 28 6.60 -1.85 3.16
N GLU A 29 5.45 -2.06 3.75
CA GLU A 29 4.35 -1.08 3.59
C GLU A 29 3.28 -1.31 4.66
N LYS A 30 2.49 -0.32 4.97
CA LYS A 30 1.43 -0.52 5.99
C LYS A 30 0.06 -0.29 5.36
N ARG A 31 -0.24 0.93 5.00
CA ARG A 31 -1.57 1.22 4.38
C ARG A 31 -1.38 2.00 3.08
N CYS A 32 -2.21 1.75 2.12
CA CYS A 32 -2.11 2.48 0.81
C CYS A 32 -2.24 3.99 1.04
N ARG A 33 -1.13 4.68 1.21
CA ARG A 33 -1.22 6.16 1.44
C ARG A 33 0.14 6.82 1.15
N GLY A 1 -6.54 -4.12 -13.81
CA GLY A 1 -5.96 -3.31 -12.70
C GLY A 1 -5.57 -4.22 -11.56
N ASP A 2 -6.51 -4.66 -10.77
CA ASP A 2 -6.18 -5.55 -9.62
C ASP A 2 -5.32 -4.81 -8.60
N CYS A 3 -5.82 -3.74 -8.05
CA CYS A 3 -5.03 -2.97 -7.05
C CYS A 3 -5.90 -2.60 -5.85
N LEU A 4 -5.29 -2.33 -4.73
CA LEU A 4 -6.09 -1.96 -3.52
C LEU A 4 -6.23 -0.45 -3.40
N PRO A 5 -7.19 -0.05 -2.61
CA PRO A 5 -7.46 1.40 -2.37
C PRO A 5 -6.31 2.04 -1.60
N HIS A 6 -6.18 3.34 -1.64
CA HIS A 6 -5.08 4.01 -0.90
C HIS A 6 -5.48 4.27 0.55
N LEU A 7 -6.25 3.40 1.12
CA LEU A 7 -6.68 3.56 2.52
C LEU A 7 -7.02 2.20 3.12
N LYS A 8 -6.15 1.23 2.96
CA LYS A 8 -6.41 -0.12 3.52
C LYS A 8 -5.08 -0.87 3.68
N ARG A 9 -4.95 -1.63 4.74
CA ARG A 9 -3.68 -2.39 4.96
C ARG A 9 -3.20 -3.00 3.64
N CYS A 10 -1.96 -2.80 3.29
CA CYS A 10 -1.46 -3.38 2.02
C CYS A 10 -0.48 -4.52 2.31
N LYS A 11 -0.47 -5.53 1.48
CA LYS A 11 0.47 -6.66 1.71
C LYS A 11 1.82 -6.37 1.05
N ALA A 12 1.84 -5.48 0.10
CA ALA A 12 3.12 -5.15 -0.59
C ALA A 12 3.05 -3.74 -1.19
N ASP A 13 4.18 -3.09 -1.30
CA ASP A 13 4.18 -1.72 -1.89
C ASP A 13 3.45 -1.72 -3.24
N ASN A 14 3.63 -2.75 -4.02
CA ASN A 14 2.95 -2.82 -5.35
C ASN A 14 1.58 -3.52 -5.23
N ASP A 15 0.73 -3.07 -4.35
CA ASP A 15 -0.61 -3.72 -4.19
C ASP A 15 -1.73 -2.68 -4.21
N CYS A 16 -1.42 -1.46 -3.86
CA CYS A 16 -2.46 -0.39 -3.85
C CYS A 16 -2.72 0.11 -5.28
N CYS A 17 -3.75 0.88 -5.46
CA CYS A 17 -4.05 1.42 -6.81
C CYS A 17 -3.18 2.64 -7.06
N GLY A 18 -2.49 3.11 -6.06
CA GLY A 18 -1.61 4.29 -6.26
C GLY A 18 -0.17 3.81 -6.38
N LYS A 19 0.07 2.56 -6.08
CA LYS A 19 1.46 2.03 -6.17
C LYS A 19 2.32 2.66 -5.07
N LYS A 20 1.68 3.27 -4.12
CA LYS A 20 2.43 3.93 -3.01
C LYS A 20 1.81 3.54 -1.67
N CYS A 21 2.14 2.39 -1.18
CA CYS A 21 1.56 1.98 0.14
C CYS A 21 2.34 2.66 1.25
N LYS A 22 1.67 3.06 2.31
CA LYS A 22 2.42 3.70 3.42
C LYS A 22 3.09 2.61 4.25
N ARG A 23 4.07 2.97 5.04
CA ARG A 23 4.83 1.99 5.88
C ARG A 23 5.33 2.67 7.16
N ARG A 24 5.96 1.92 8.03
CA ARG A 24 6.51 2.52 9.28
C ARG A 24 7.68 1.67 9.77
N GLY A 25 8.64 1.44 8.91
CA GLY A 25 9.82 0.63 9.29
C GLY A 25 10.46 0.10 8.00
N THR A 26 11.61 0.60 7.65
CA THR A 26 12.29 0.15 6.40
C THR A 26 11.26 -0.03 5.28
N ASN A 27 10.28 0.85 5.26
CA ASN A 27 9.19 0.80 4.23
C ASN A 27 8.96 -0.62 3.71
N ALA A 28 7.95 -1.30 4.19
CA ALA A 28 7.70 -2.67 3.68
C ALA A 28 6.21 -2.96 3.57
N GLU A 29 5.41 -2.54 4.52
CA GLU A 29 3.95 -2.85 4.41
C GLU A 29 3.10 -2.27 5.55
N LYS A 30 2.49 -1.13 5.37
CA LYS A 30 1.59 -0.58 6.43
C LYS A 30 0.16 -0.50 5.87
N ARG A 31 -0.16 0.61 5.25
CA ARG A 31 -1.54 0.76 4.68
C ARG A 31 -1.48 1.54 3.37
N CYS A 32 -2.21 1.09 2.38
CA CYS A 32 -2.19 1.81 1.07
C CYS A 32 -2.52 3.29 1.27
N ARG A 33 -1.77 4.18 0.67
CA ARG A 33 -2.04 5.64 0.85
C ARG A 33 -1.42 6.43 -0.30
N GLY A 1 -5.66 -6.47 -12.09
CA GLY A 1 -6.50 -7.51 -11.42
C GLY A 1 -7.33 -6.87 -10.31
N ASP A 2 -6.87 -6.94 -9.09
CA ASP A 2 -7.64 -6.33 -7.97
C ASP A 2 -6.69 -5.55 -7.05
N CYS A 3 -6.25 -4.41 -7.48
CA CYS A 3 -5.33 -3.59 -6.63
C CYS A 3 -6.03 -3.17 -5.34
N LEU A 4 -5.28 -2.77 -4.36
CA LEU A 4 -5.90 -2.31 -3.09
C LEU A 4 -6.15 -0.81 -3.15
N PRO A 5 -7.05 -0.36 -2.35
CA PRO A 5 -7.41 1.08 -2.31
C PRO A 5 -6.25 1.91 -1.78
N HIS A 6 -6.35 3.21 -1.85
CA HIS A 6 -5.26 4.07 -1.37
C HIS A 6 -5.45 4.39 0.12
N LEU A 7 -6.00 3.48 0.85
CA LEU A 7 -6.21 3.71 2.30
C LEU A 7 -6.45 2.41 3.07
N LYS A 8 -6.14 1.27 2.50
CA LYS A 8 -6.35 -0.01 3.23
C LYS A 8 -5.00 -0.68 3.45
N ARG A 9 -4.90 -1.58 4.39
CA ARG A 9 -3.60 -2.24 4.63
C ARG A 9 -3.18 -3.00 3.36
N CYS A 10 -1.94 -2.89 2.97
CA CYS A 10 -1.50 -3.60 1.73
C CYS A 10 -0.38 -4.60 2.04
N LYS A 11 -0.28 -5.63 1.24
CA LYS A 11 0.78 -6.65 1.46
C LYS A 11 2.06 -6.20 0.77
N ALA A 12 1.94 -5.46 -0.30
CA ALA A 12 3.14 -4.96 -1.03
C ALA A 12 2.88 -3.56 -1.57
N ASP A 13 3.85 -2.68 -1.49
CA ASP A 13 3.65 -1.31 -2.00
C ASP A 13 2.91 -1.32 -3.34
N ASN A 14 3.10 -2.34 -4.13
CA ASN A 14 2.42 -2.40 -5.46
C ASN A 14 0.99 -2.94 -5.32
N ASP A 15 0.63 -3.45 -4.17
CA ASP A 15 -0.76 -3.99 -4.01
C ASP A 15 -1.79 -2.86 -4.07
N CYS A 16 -1.43 -1.68 -3.66
CA CYS A 16 -2.39 -0.53 -3.70
C CYS A 16 -2.49 0.01 -5.12
N CYS A 17 -3.58 0.64 -5.46
CA CYS A 17 -3.70 1.20 -6.82
C CYS A 17 -2.92 2.51 -6.90
N GLY A 18 -2.52 3.04 -5.78
CA GLY A 18 -1.72 4.29 -5.79
C GLY A 18 -0.26 3.91 -6.04
N LYS A 19 0.06 2.65 -5.86
CA LYS A 19 1.46 2.18 -6.08
C LYS A 19 2.39 2.82 -5.05
N LYS A 20 1.84 3.49 -4.08
CA LYS A 20 2.68 4.12 -3.04
C LYS A 20 2.11 3.79 -1.66
N CYS A 21 2.22 2.56 -1.25
CA CYS A 21 1.69 2.18 0.08
C CYS A 21 2.68 2.64 1.15
N LYS A 22 2.25 2.75 2.37
CA LYS A 22 3.20 3.22 3.43
C LYS A 22 3.28 2.22 4.59
N ARG A 23 4.28 2.34 5.41
CA ARG A 23 4.43 1.44 6.60
C ARG A 23 4.36 2.29 7.86
N ARG A 24 4.63 1.72 9.01
CA ARG A 24 4.58 2.54 10.26
C ARG A 24 5.97 3.12 10.54
N GLY A 25 6.57 3.73 9.57
CA GLY A 25 7.93 4.32 9.77
C GLY A 25 8.39 4.98 8.48
N THR A 26 8.75 4.21 7.49
CA THR A 26 9.21 4.82 6.21
C THR A 26 8.78 3.95 5.02
N ASN A 27 7.50 3.88 4.76
CA ASN A 27 6.95 3.05 3.63
C ASN A 27 7.46 1.62 3.68
N ALA A 28 6.61 0.67 3.40
CA ALA A 28 7.04 -0.76 3.44
C ALA A 28 5.82 -1.68 3.38
N GLU A 29 4.88 -1.51 4.28
CA GLU A 29 3.68 -2.40 4.24
C GLU A 29 2.66 -2.09 5.33
N LYS A 30 2.19 -0.87 5.45
CA LYS A 30 1.13 -0.59 6.47
C LYS A 30 -0.19 -0.35 5.75
N ARG A 31 -0.45 0.86 5.35
CA ARG A 31 -1.73 1.14 4.63
C ARG A 31 -1.46 1.92 3.34
N CYS A 32 -2.22 1.68 2.31
CA CYS A 32 -1.99 2.40 1.03
C CYS A 32 -2.03 3.91 1.28
N ARG A 33 -0.99 4.61 0.90
CA ARG A 33 -0.97 6.09 1.12
C ARG A 33 -0.06 6.77 0.08
N GLY A 1 -10.22 -2.58 -11.72
CA GLY A 1 -8.84 -2.21 -11.29
C GLY A 1 -8.17 -3.40 -10.60
N ASP A 2 -6.91 -3.65 -10.88
CA ASP A 2 -6.22 -4.80 -10.25
C ASP A 2 -5.32 -4.32 -9.10
N CYS A 3 -5.89 -3.64 -8.14
CA CYS A 3 -5.07 -3.14 -6.99
C CYS A 3 -5.97 -2.81 -5.80
N LEU A 4 -5.41 -2.34 -4.73
CA LEU A 4 -6.24 -1.98 -3.54
C LEU A 4 -6.37 -0.47 -3.43
N PRO A 5 -7.30 -0.04 -2.64
CA PRO A 5 -7.55 1.42 -2.44
C PRO A 5 -6.38 2.08 -1.72
N HIS A 6 -6.30 3.38 -1.75
CA HIS A 6 -5.20 4.08 -1.05
C HIS A 6 -5.58 4.35 0.40
N LEU A 7 -6.26 3.41 1.01
CA LEU A 7 -6.67 3.58 2.41
C LEU A 7 -6.89 2.21 3.06
N LYS A 8 -6.19 1.22 2.60
CA LYS A 8 -6.34 -0.14 3.17
C LYS A 8 -4.97 -0.77 3.37
N ARG A 9 -4.84 -1.66 4.32
CA ARG A 9 -3.52 -2.29 4.55
C ARG A 9 -3.06 -3.03 3.28
N CYS A 10 -1.78 -3.08 3.04
CA CYS A 10 -1.29 -3.77 1.82
C CYS A 10 -0.15 -4.73 2.17
N LYS A 11 -0.07 -5.84 1.50
CA LYS A 11 1.02 -6.81 1.78
C LYS A 11 2.26 -6.43 0.97
N ALA A 12 2.10 -5.54 0.02
CA ALA A 12 3.26 -5.11 -0.82
C ALA A 12 2.94 -3.77 -1.49
N ASP A 13 3.87 -2.85 -1.46
CA ASP A 13 3.64 -1.52 -2.09
C ASP A 13 2.90 -1.68 -3.42
N ASN A 14 3.09 -2.78 -4.09
CA ASN A 14 2.40 -3.00 -5.41
C ASN A 14 0.99 -3.58 -5.21
N ASP A 15 0.47 -3.54 -4.01
CA ASP A 15 -0.90 -4.08 -3.79
C ASP A 15 -1.93 -2.96 -3.83
N CYS A 16 -1.51 -1.76 -3.53
CA CYS A 16 -2.44 -0.60 -3.53
C CYS A 16 -2.66 -0.11 -4.97
N CYS A 17 -3.60 0.76 -5.17
CA CYS A 17 -3.86 1.29 -6.54
C CYS A 17 -2.97 2.50 -6.80
N GLY A 18 -2.35 3.04 -5.78
CA GLY A 18 -1.47 4.21 -6.00
C GLY A 18 -0.02 3.74 -6.03
N LYS A 19 0.21 2.48 -5.78
CA LYS A 19 1.61 1.98 -5.78
C LYS A 19 2.41 2.72 -4.72
N LYS A 20 1.73 3.38 -3.83
CA LYS A 20 2.42 4.14 -2.76
C LYS A 20 1.85 3.75 -1.40
N CYS A 21 2.15 2.58 -0.93
CA CYS A 21 1.65 2.16 0.39
C CYS A 21 2.56 2.78 1.46
N LYS A 22 2.03 3.37 2.49
CA LYS A 22 2.91 4.01 3.51
C LYS A 22 3.14 3.12 4.74
N ARG A 23 4.35 2.63 4.88
CA ARG A 23 4.73 1.76 6.03
C ARG A 23 4.98 2.64 7.27
N ARG A 24 5.14 2.04 8.42
CA ARG A 24 5.40 2.85 9.65
C ARG A 24 6.89 3.19 9.76
N GLY A 25 7.45 3.78 8.73
CA GLY A 25 8.91 4.13 8.78
C GLY A 25 9.33 4.73 7.43
N THR A 26 9.57 3.89 6.47
CA THR A 26 9.99 4.39 5.13
C THR A 26 9.40 3.50 4.02
N ASN A 27 8.10 3.40 3.97
CA ASN A 27 7.45 2.54 2.93
C ASN A 27 7.94 1.10 3.04
N ALA A 28 7.05 0.17 2.87
CA ALA A 28 7.45 -1.25 2.98
C ALA A 28 6.20 -2.14 2.99
N GLU A 29 5.25 -1.81 3.82
CA GLU A 29 4.00 -2.64 3.87
C GLU A 29 3.07 -2.24 5.03
N LYS A 30 2.37 -1.14 4.94
CA LYS A 30 1.40 -0.80 6.02
C LYS A 30 0.03 -0.53 5.44
N ARG A 31 -0.23 0.68 5.04
CA ARG A 31 -1.57 0.99 4.44
C ARG A 31 -1.41 1.84 3.18
N CYS A 32 -2.27 1.65 2.22
CA CYS A 32 -2.18 2.46 0.97
C CYS A 32 -2.57 3.91 1.25
N ARG A 33 -1.83 4.86 0.74
CA ARG A 33 -2.19 6.29 1.00
C ARG A 33 -1.66 7.17 -0.13
N GLY A 1 -6.08 -9.80 -11.43
CA GLY A 1 -6.47 -8.36 -11.59
C GLY A 1 -7.20 -7.90 -10.33
N ASP A 2 -6.55 -7.12 -9.51
CA ASP A 2 -7.20 -6.63 -8.26
C ASP A 2 -6.19 -5.86 -7.40
N CYS A 3 -6.42 -4.59 -7.21
CA CYS A 3 -5.47 -3.78 -6.38
C CYS A 3 -6.18 -3.26 -5.13
N LEU A 4 -5.44 -2.67 -4.23
CA LEU A 4 -6.07 -2.11 -3.02
C LEU A 4 -6.21 -0.59 -3.19
N PRO A 5 -7.16 -0.04 -2.50
CA PRO A 5 -7.43 1.42 -2.60
C PRO A 5 -6.30 2.23 -1.97
N HIS A 6 -6.41 3.53 -2.01
CA HIS A 6 -5.36 4.38 -1.42
C HIS A 6 -5.66 4.63 0.06
N LEU A 7 -6.20 3.66 0.71
CA LEU A 7 -6.51 3.81 2.15
C LEU A 7 -6.70 2.44 2.83
N LYS A 8 -6.30 1.37 2.19
CA LYS A 8 -6.45 0.03 2.82
C LYS A 8 -5.07 -0.54 3.15
N ARG A 9 -5.01 -1.70 3.75
CA ARG A 9 -3.68 -2.27 4.08
C ARG A 9 -3.04 -2.86 2.83
N CYS A 10 -1.73 -2.97 2.81
CA CYS A 10 -1.05 -3.53 1.60
C CYS A 10 0.12 -4.40 2.01
N LYS A 11 0.21 -5.58 1.45
CA LYS A 11 1.34 -6.49 1.78
C LYS A 11 2.55 -6.12 0.91
N ALA A 12 2.32 -5.38 -0.14
CA ALA A 12 3.43 -4.98 -1.04
C ALA A 12 3.24 -3.52 -1.49
N ASP A 13 4.30 -2.86 -1.85
CA ASP A 13 4.19 -1.45 -2.30
C ASP A 13 3.18 -1.32 -3.44
N ASN A 14 3.04 -2.35 -4.23
CA ASN A 14 2.07 -2.27 -5.38
C ASN A 14 0.67 -2.72 -4.96
N ASP A 15 0.55 -3.44 -3.87
CA ASP A 15 -0.80 -3.90 -3.42
C ASP A 15 -1.84 -2.79 -3.60
N CYS A 16 -1.47 -1.57 -3.32
CA CYS A 16 -2.43 -0.44 -3.47
C CYS A 16 -2.51 -0.02 -4.94
N CYS A 17 -3.60 0.54 -5.35
CA CYS A 17 -3.70 1.00 -6.76
C CYS A 17 -2.94 2.32 -6.88
N GLY A 18 -2.52 2.88 -5.78
CA GLY A 18 -1.75 4.14 -5.85
C GLY A 18 -0.27 3.78 -5.95
N LYS A 19 0.05 2.51 -5.85
CA LYS A 19 1.47 2.09 -5.93
C LYS A 19 2.27 2.83 -4.87
N LYS A 20 1.59 3.36 -3.89
CA LYS A 20 2.29 4.10 -2.82
C LYS A 20 1.81 3.60 -1.46
N CYS A 21 2.13 2.38 -1.11
CA CYS A 21 1.70 1.86 0.21
C CYS A 21 2.64 2.47 1.26
N LYS A 22 2.26 2.52 2.51
CA LYS A 22 3.20 3.17 3.49
C LYS A 22 3.25 2.44 4.85
N ARG A 23 4.39 1.87 5.17
CA ARG A 23 4.59 1.17 6.47
C ARG A 23 4.79 2.22 7.57
N ARG A 24 4.74 1.83 8.81
CA ARG A 24 4.98 2.81 9.91
C ARG A 24 6.48 3.06 10.05
N GLY A 25 7.14 3.38 8.97
CA GLY A 25 8.61 3.62 9.04
C GLY A 25 9.11 4.14 7.69
N THR A 26 8.75 3.51 6.61
CA THR A 26 9.22 3.99 5.27
C THR A 26 8.68 3.13 4.13
N ASN A 27 7.38 3.01 4.01
CA ASN A 27 6.81 2.18 2.91
C ASN A 27 7.33 0.75 2.95
N ALA A 28 6.47 -0.21 3.13
CA ALA A 28 6.92 -1.62 3.17
C ALA A 28 5.73 -2.57 3.33
N GLU A 29 4.71 -2.15 4.06
CA GLU A 29 3.52 -3.03 4.25
C GLU A 29 2.60 -2.55 5.38
N LYS A 30 1.91 -1.46 5.19
CA LYS A 30 0.97 -1.00 6.26
C LYS A 30 -0.37 -0.61 5.63
N ARG A 31 -0.48 0.62 5.20
CA ARG A 31 -1.74 1.07 4.56
C ARG A 31 -1.43 1.93 3.33
N CYS A 32 -2.32 1.99 2.39
CA CYS A 32 -2.07 2.82 1.17
C CYS A 32 -2.19 4.30 1.52
N ARG A 33 -1.12 5.04 1.42
CA ARG A 33 -1.18 6.49 1.74
C ARG A 33 -0.66 7.32 0.57
N GLY A 1 -8.99 -1.82 -12.95
CA GLY A 1 -7.67 -2.47 -12.71
C GLY A 1 -7.71 -3.21 -11.37
N ASP A 2 -7.16 -4.38 -11.32
CA ASP A 2 -7.15 -5.15 -10.04
C ASP A 2 -6.10 -4.57 -9.09
N CYS A 3 -6.54 -3.94 -8.02
CA CYS A 3 -5.57 -3.35 -7.06
C CYS A 3 -6.22 -3.22 -5.67
N LEU A 4 -5.81 -2.25 -4.92
CA LEU A 4 -6.40 -2.03 -3.57
C LEU A 4 -6.68 -0.55 -3.38
N PRO A 5 -7.48 -0.26 -2.39
CA PRO A 5 -7.88 1.14 -2.08
C PRO A 5 -6.67 1.97 -1.63
N HIS A 6 -6.79 3.27 -1.62
CA HIS A 6 -5.66 4.12 -1.20
C HIS A 6 -5.73 4.40 0.30
N LEU A 7 -6.23 3.45 1.06
CA LEU A 7 -6.30 3.66 2.51
C LEU A 7 -6.47 2.33 3.27
N LYS A 8 -6.20 1.22 2.64
CA LYS A 8 -6.36 -0.09 3.36
C LYS A 8 -5.00 -0.77 3.51
N ARG A 9 -4.84 -1.57 4.53
CA ARG A 9 -3.53 -2.26 4.72
C ARG A 9 -3.16 -2.98 3.42
N CYS A 10 -1.90 -3.00 3.08
CA CYS A 10 -1.50 -3.68 1.81
C CYS A 10 -0.48 -4.78 2.10
N LYS A 11 -0.44 -5.79 1.28
CA LYS A 11 0.54 -6.89 1.49
C LYS A 11 1.90 -6.47 0.96
N ALA A 12 1.94 -5.45 0.13
CA ALA A 12 3.24 -4.98 -0.43
C ALA A 12 3.12 -3.55 -0.94
N ASP A 13 4.22 -2.86 -1.08
CA ASP A 13 4.17 -1.46 -1.56
C ASP A 13 3.43 -1.38 -2.90
N ASN A 14 3.70 -2.29 -3.79
CA ASN A 14 3.02 -2.26 -5.12
C ASN A 14 1.72 -3.07 -5.10
N ASP A 15 0.90 -2.88 -4.11
CA ASP A 15 -0.39 -3.63 -4.04
C ASP A 15 -1.57 -2.67 -4.12
N CYS A 16 -1.36 -1.44 -3.73
CA CYS A 16 -2.45 -0.42 -3.78
C CYS A 16 -2.63 0.08 -5.20
N CYS A 17 -3.66 0.83 -5.46
CA CYS A 17 -3.86 1.37 -6.83
C CYS A 17 -2.94 2.56 -7.04
N GLY A 18 -2.38 3.07 -5.98
CA GLY A 18 -1.44 4.22 -6.13
C GLY A 18 -0.02 3.67 -6.22
N LYS A 19 0.15 2.40 -5.94
CA LYS A 19 1.51 1.79 -5.99
C LYS A 19 2.40 2.44 -4.93
N LYS A 20 1.81 3.20 -4.05
CA LYS A 20 2.61 3.86 -2.98
C LYS A 20 1.98 3.56 -1.62
N CYS A 21 2.11 2.35 -1.15
CA CYS A 21 1.52 2.00 0.17
C CYS A 21 2.43 2.54 1.28
N LYS A 22 1.87 3.05 2.34
CA LYS A 22 2.73 3.58 3.43
C LYS A 22 3.26 2.42 4.29
N ARG A 23 4.22 2.71 5.13
CA ARG A 23 4.81 1.67 6.01
C ARG A 23 5.30 2.31 7.31
N ARG A 24 5.81 1.54 8.23
CA ARG A 24 6.30 2.13 9.51
C ARG A 24 7.84 2.19 9.49
N GLY A 25 8.39 2.94 8.56
CA GLY A 25 9.87 3.04 8.48
C GLY A 25 10.38 2.04 7.44
N THR A 26 11.46 2.35 6.77
CA THR A 26 11.99 1.42 5.73
C THR A 26 10.83 0.84 4.92
N ASN A 27 10.47 1.50 3.84
CA ASN A 27 9.32 1.04 2.99
C ASN A 27 9.02 -0.44 3.17
N ALA A 28 7.76 -0.79 3.23
CA ALA A 28 7.39 -2.22 3.40
C ALA A 28 5.97 -2.45 2.90
N GLU A 29 4.98 -2.05 3.67
CA GLU A 29 3.56 -2.24 3.25
C GLU A 29 2.60 -2.07 4.45
N LYS A 30 2.45 -0.89 4.97
CA LYS A 30 1.50 -0.71 6.10
C LYS A 30 0.08 -0.49 5.56
N ARG A 31 -0.17 0.68 5.04
CA ARG A 31 -1.53 0.96 4.51
C ARG A 31 -1.43 1.81 3.23
N CYS A 32 -2.23 1.50 2.25
CA CYS A 32 -2.19 2.29 0.99
C CYS A 32 -2.23 3.79 1.31
N ARG A 33 -1.23 4.53 0.90
CA ARG A 33 -1.22 5.99 1.20
C ARG A 33 -0.35 6.73 0.19
N GLY A 1 -4.57 -8.29 -10.39
CA GLY A 1 -6.04 -8.04 -10.30
C GLY A 1 -6.28 -6.59 -9.87
N ASP A 2 -7.50 -6.26 -9.55
CA ASP A 2 -7.80 -4.87 -9.11
C ASP A 2 -6.95 -4.49 -7.89
N CYS A 3 -5.99 -3.62 -8.09
CA CYS A 3 -5.13 -3.21 -6.94
C CYS A 3 -5.98 -2.88 -5.71
N LEU A 4 -5.35 -2.62 -4.60
CA LEU A 4 -6.12 -2.28 -3.37
C LEU A 4 -6.39 -0.78 -3.34
N PRO A 5 -7.31 -0.40 -2.50
CA PRO A 5 -7.69 1.03 -2.37
C PRO A 5 -6.50 1.85 -1.83
N HIS A 6 -6.55 3.15 -2.00
CA HIS A 6 -5.44 3.99 -1.52
C HIS A 6 -5.65 4.38 -0.05
N LEU A 7 -6.20 3.50 0.72
CA LEU A 7 -6.42 3.80 2.15
C LEU A 7 -6.64 2.51 2.97
N LYS A 8 -6.31 1.37 2.42
CA LYS A 8 -6.50 0.10 3.19
C LYS A 8 -5.13 -0.51 3.49
N ARG A 9 -5.08 -1.57 4.24
CA ARG A 9 -3.77 -2.18 4.54
C ARG A 9 -3.21 -2.89 3.30
N CYS A 10 -1.92 -2.83 3.09
CA CYS A 10 -1.31 -3.50 1.90
C CYS A 10 -0.15 -4.40 2.32
N LYS A 11 0.03 -5.50 1.63
CA LYS A 11 1.15 -6.42 1.98
C LYS A 11 2.41 -6.03 1.22
N ALA A 12 2.27 -5.60 -0.02
CA ALA A 12 3.46 -5.22 -0.81
C ALA A 12 3.27 -3.80 -1.40
N ASP A 13 4.34 -3.11 -1.66
CA ASP A 13 4.23 -1.73 -2.22
C ASP A 13 3.37 -1.73 -3.49
N ASN A 14 3.48 -2.77 -4.30
CA ASN A 14 2.67 -2.82 -5.55
C ASN A 14 1.32 -3.50 -5.31
N ASP A 15 0.66 -3.16 -4.25
CA ASP A 15 -0.67 -3.78 -3.96
C ASP A 15 -1.77 -2.71 -3.92
N CYS A 16 -1.40 -1.52 -3.56
CA CYS A 16 -2.41 -0.41 -3.49
C CYS A 16 -2.68 0.14 -4.89
N CYS A 17 -3.79 0.78 -5.08
CA CYS A 17 -4.09 1.36 -6.41
C CYS A 17 -3.32 2.68 -6.55
N GLY A 18 -2.67 3.11 -5.51
CA GLY A 18 -1.87 4.36 -5.59
C GLY A 18 -0.41 3.99 -5.83
N LYS A 19 -0.12 2.71 -5.79
CA LYS A 19 1.28 2.25 -6.02
C LYS A 19 2.20 2.83 -4.93
N LYS A 20 1.64 3.27 -3.85
CA LYS A 20 2.46 3.84 -2.76
C LYS A 20 1.95 3.39 -1.40
N CYS A 21 2.21 2.16 -1.04
CA CYS A 21 1.75 1.67 0.29
C CYS A 21 2.74 2.22 1.34
N LYS A 22 2.27 2.92 2.32
CA LYS A 22 3.22 3.51 3.31
C LYS A 22 3.28 2.71 4.62
N ARG A 23 4.40 2.10 4.89
CA ARG A 23 4.59 1.32 6.15
C ARG A 23 4.88 2.29 7.31
N ARG A 24 4.88 1.83 8.52
CA ARG A 24 5.20 2.74 9.65
C ARG A 24 6.72 2.82 9.85
N GLY A 25 7.44 3.08 8.80
CA GLY A 25 8.92 3.17 8.91
C GLY A 25 9.51 3.58 7.55
N THR A 26 10.09 2.64 6.84
CA THR A 26 10.68 2.99 5.51
C THR A 26 9.92 2.26 4.40
N ASN A 27 8.63 2.46 4.34
CA ASN A 27 7.80 1.79 3.29
C ASN A 27 7.97 0.27 3.36
N ALA A 28 6.91 -0.44 3.10
CA ALA A 28 6.99 -1.93 3.15
C ALA A 28 5.59 -2.51 2.99
N GLU A 29 4.69 -2.21 3.89
CA GLU A 29 3.31 -2.76 3.76
C GLU A 29 2.37 -2.38 4.92
N LYS A 30 2.07 -1.13 5.13
CA LYS A 30 1.10 -0.81 6.22
C LYS A 30 -0.25 -0.44 5.61
N ARG A 31 -0.41 0.79 5.23
CA ARG A 31 -1.69 1.22 4.60
C ARG A 31 -1.43 1.96 3.30
N CYS A 32 -2.33 1.87 2.37
CA CYS A 32 -2.14 2.58 1.08
C CYS A 32 -2.28 4.09 1.27
N ARG A 33 -1.23 4.83 1.12
CA ARG A 33 -1.31 6.31 1.31
C ARG A 33 -0.45 7.02 0.26
N GLY A 1 -7.73 -3.32 -12.26
CA GLY A 1 -6.25 -3.45 -12.32
C GLY A 1 -5.77 -4.26 -11.11
N ASP A 2 -6.64 -5.02 -10.51
CA ASP A 2 -6.23 -5.84 -9.33
C ASP A 2 -5.36 -5.00 -8.40
N CYS A 3 -5.94 -4.09 -7.66
CA CYS A 3 -5.12 -3.25 -6.74
C CYS A 3 -5.88 -3.00 -5.44
N LEU A 4 -5.17 -2.61 -4.42
CA LEU A 4 -5.84 -2.32 -3.12
C LEU A 4 -6.28 -0.85 -3.10
N PRO A 5 -7.15 -0.55 -2.17
CA PRO A 5 -7.67 0.83 -2.03
C PRO A 5 -6.54 1.77 -1.62
N HIS A 6 -6.78 3.05 -1.64
CA HIS A 6 -5.72 4.00 -1.25
C HIS A 6 -5.78 4.32 0.25
N LEU A 7 -6.25 3.40 1.04
CA LEU A 7 -6.32 3.65 2.49
C LEU A 7 -6.47 2.34 3.30
N LYS A 8 -6.28 1.20 2.69
CA LYS A 8 -6.41 -0.07 3.47
C LYS A 8 -5.05 -0.74 3.63
N ARG A 9 -4.92 -1.62 4.57
CA ARG A 9 -3.61 -2.30 4.77
C ARG A 9 -3.20 -3.02 3.48
N CYS A 10 -2.03 -2.74 2.97
CA CYS A 10 -1.60 -3.41 1.71
C CYS A 10 -0.63 -4.56 2.03
N LYS A 11 -0.65 -5.59 1.24
CA LYS A 11 0.28 -6.74 1.49
C LYS A 11 1.62 -6.46 0.81
N ALA A 12 1.66 -5.49 -0.07
CA ALA A 12 2.93 -5.16 -0.77
C ALA A 12 2.88 -3.74 -1.35
N ASP A 13 3.96 -3.02 -1.30
CA ASP A 13 3.98 -1.64 -1.85
C ASP A 13 3.32 -1.62 -3.23
N ASN A 14 3.52 -2.66 -4.00
CA ASN A 14 2.93 -2.70 -5.37
C ASN A 14 1.53 -3.35 -5.34
N ASP A 15 0.78 -3.16 -4.29
CA ASP A 15 -0.58 -3.77 -4.23
C ASP A 15 -1.66 -2.67 -4.20
N CYS A 16 -1.30 -1.49 -3.79
CA CYS A 16 -2.29 -0.37 -3.74
C CYS A 16 -2.49 0.18 -5.16
N CYS A 17 -3.56 0.87 -5.40
CA CYS A 17 -3.75 1.45 -6.76
C CYS A 17 -2.91 2.71 -6.91
N GLY A 18 -2.39 3.20 -5.81
CA GLY A 18 -1.53 4.42 -5.88
C GLY A 18 -0.08 3.98 -6.07
N LYS A 19 0.18 2.69 -5.96
CA LYS A 19 1.57 2.18 -6.12
C LYS A 19 2.47 2.79 -5.05
N LYS A 20 1.89 3.40 -4.06
CA LYS A 20 2.71 4.01 -2.97
C LYS A 20 2.08 3.66 -1.62
N CYS A 21 2.28 2.45 -1.17
CA CYS A 21 1.70 2.06 0.14
C CYS A 21 2.58 2.58 1.29
N LYS A 22 1.99 3.20 2.27
CA LYS A 22 2.81 3.71 3.40
C LYS A 22 3.13 2.57 4.36
N ARG A 23 4.23 2.63 5.04
CA ARG A 23 4.61 1.55 6.00
C ARG A 23 4.97 2.17 7.36
N ARG A 24 5.57 1.38 8.22
CA ARG A 24 5.98 1.90 9.55
C ARG A 24 7.48 1.64 9.78
N GLY A 25 8.32 2.15 8.91
CA GLY A 25 9.79 1.93 9.09
C GLY A 25 10.52 2.27 7.78
N THR A 26 11.46 1.45 7.38
CA THR A 26 12.21 1.73 6.12
C THR A 26 11.42 1.21 4.92
N ASN A 27 10.25 1.74 4.71
CA ASN A 27 9.39 1.30 3.57
C ASN A 27 9.03 -0.18 3.72
N ALA A 28 7.89 -0.55 3.23
CA ALA A 28 7.47 -1.97 3.33
C ALA A 28 6.02 -2.10 2.85
N GLU A 29 5.08 -1.77 3.69
CA GLU A 29 3.64 -1.87 3.28
C GLU A 29 2.68 -1.83 4.49
N LYS A 30 2.35 -0.67 5.00
CA LYS A 30 1.37 -0.64 6.13
C LYS A 30 -0.02 -0.35 5.58
N ARG A 31 -0.28 0.86 5.17
CA ARG A 31 -1.62 1.19 4.61
C ARG A 31 -1.47 1.88 3.26
N CYS A 32 -2.30 1.54 2.30
CA CYS A 32 -2.20 2.19 0.96
C CYS A 32 -2.30 3.71 1.11
N ARG A 33 -1.36 4.43 0.56
CA ARG A 33 -1.41 5.92 0.68
C ARG A 33 -0.67 6.57 -0.49
N GLY A 1 -3.50 -3.68 -12.98
CA GLY A 1 -4.97 -3.48 -13.03
C GLY A 1 -5.56 -3.60 -11.63
N ASP A 2 -5.88 -4.80 -11.21
CA ASP A 2 -6.47 -4.97 -9.85
C ASP A 2 -5.48 -4.52 -8.77
N CYS A 3 -5.92 -3.68 -7.87
CA CYS A 3 -5.00 -3.21 -6.80
C CYS A 3 -5.81 -2.87 -5.54
N LEU A 4 -5.16 -2.57 -4.46
CA LEU A 4 -5.91 -2.22 -3.22
C LEU A 4 -6.24 -0.74 -3.21
N PRO A 5 -7.19 -0.40 -2.40
CA PRO A 5 -7.66 1.02 -2.27
C PRO A 5 -6.55 1.91 -1.72
N HIS A 6 -6.76 3.21 -1.76
CA HIS A 6 -5.74 4.14 -1.24
C HIS A 6 -5.98 4.42 0.25
N LEU A 7 -6.47 3.44 0.96
CA LEU A 7 -6.70 3.63 2.41
C LEU A 7 -6.85 2.27 3.12
N LYS A 8 -6.27 1.23 2.59
CA LYS A 8 -6.38 -0.09 3.26
C LYS A 8 -5.00 -0.74 3.37
N ARG A 9 -4.81 -1.61 4.32
CA ARG A 9 -3.49 -2.26 4.48
C ARG A 9 -2.99 -2.76 3.12
N CYS A 10 -1.70 -2.86 2.95
CA CYS A 10 -1.15 -3.34 1.65
C CYS A 10 -0.28 -4.57 1.87
N LYS A 11 -0.54 -5.64 1.17
CA LYS A 11 0.31 -6.84 1.33
C LYS A 11 1.61 -6.65 0.54
N ALA A 12 1.67 -5.61 -0.25
CA ALA A 12 2.89 -5.32 -1.04
C ALA A 12 2.90 -3.85 -1.44
N ASP A 13 4.00 -3.19 -1.29
CA ASP A 13 4.07 -1.75 -1.64
C ASP A 13 3.29 -1.46 -2.94
N ASN A 14 3.35 -2.35 -3.89
CA ASN A 14 2.61 -2.12 -5.17
C ASN A 14 1.20 -2.72 -5.13
N ASP A 15 0.78 -3.26 -4.02
CA ASP A 15 -0.59 -3.85 -3.98
C ASP A 15 -1.67 -2.77 -3.98
N CYS A 16 -1.31 -1.56 -3.61
CA CYS A 16 -2.33 -0.45 -3.58
C CYS A 16 -2.58 0.06 -4.99
N CYS A 17 -3.65 0.78 -5.18
CA CYS A 17 -3.94 1.33 -6.54
C CYS A 17 -3.08 2.56 -6.76
N GLY A 18 -2.40 3.03 -5.73
CA GLY A 18 -1.51 4.21 -5.89
C GLY A 18 -0.08 3.70 -6.08
N LYS A 19 0.11 2.40 -5.96
CA LYS A 19 1.48 1.84 -6.12
C LYS A 19 2.40 2.41 -5.05
N LYS A 20 1.84 2.98 -4.02
CA LYS A 20 2.67 3.56 -2.94
C LYS A 20 2.01 3.33 -1.58
N CYS A 21 2.35 2.25 -0.91
CA CYS A 21 1.73 2.01 0.42
C CYS A 21 2.44 2.88 1.45
N LYS A 22 1.96 2.96 2.67
CA LYS A 22 2.64 3.83 3.67
C LYS A 22 3.10 3.04 4.89
N ARG A 23 4.32 2.53 4.85
CA ARG A 23 4.90 1.78 5.99
C ARG A 23 5.41 2.77 7.05
N ARG A 24 5.42 2.39 8.29
CA ARG A 24 5.93 3.33 9.33
C ARG A 24 7.46 3.27 9.38
N GLY A 25 8.08 3.38 8.25
CA GLY A 25 9.58 3.33 8.20
C GLY A 25 10.03 3.53 6.75
N THR A 26 10.69 2.55 6.18
CA THR A 26 11.14 2.69 4.78
C THR A 26 10.21 1.91 3.85
N ASN A 27 8.94 2.17 3.94
CA ASN A 27 7.97 1.45 3.06
C ASN A 27 8.09 -0.06 3.29
N ALA A 28 7.04 -0.78 3.02
CA ALA A 28 7.08 -2.26 3.20
C ALA A 28 5.69 -2.85 3.00
N GLU A 29 4.73 -2.38 3.77
CA GLU A 29 3.34 -2.90 3.63
C GLU A 29 2.45 -2.44 4.78
N LYS A 30 2.31 -1.16 4.99
CA LYS A 30 1.42 -0.70 6.09
C LYS A 30 0.02 -0.38 5.56
N ARG A 31 -0.18 0.83 5.12
CA ARG A 31 -1.54 1.19 4.58
C ARG A 31 -1.39 1.97 3.27
N CYS A 32 -2.24 1.69 2.31
CA CYS A 32 -2.15 2.42 1.01
C CYS A 32 -2.33 3.93 1.23
N ARG A 33 -1.38 4.72 0.81
CA ARG A 33 -1.49 6.20 1.00
C ARG A 33 -0.70 6.94 -0.07
N GLY A 1 -7.53 -2.97 -14.42
CA GLY A 1 -7.82 -2.29 -13.12
C GLY A 1 -7.79 -3.33 -11.98
N ASP A 2 -6.64 -3.58 -11.44
CA ASP A 2 -6.55 -4.59 -10.32
C ASP A 2 -5.60 -4.08 -9.24
N CYS A 3 -6.13 -3.55 -8.18
CA CYS A 3 -5.25 -3.04 -7.08
C CYS A 3 -6.08 -2.77 -5.82
N LEU A 4 -5.43 -2.53 -4.71
CA LEU A 4 -6.18 -2.26 -3.45
C LEU A 4 -6.46 -0.75 -3.35
N PRO A 5 -7.37 -0.41 -2.49
CA PRO A 5 -7.76 1.02 -2.28
C PRO A 5 -6.58 1.82 -1.72
N HIS A 6 -6.64 3.12 -1.83
CA HIS A 6 -5.55 3.96 -1.31
C HIS A 6 -5.79 4.29 0.17
N LEU A 7 -6.33 3.36 0.91
CA LEU A 7 -6.58 3.59 2.34
C LEU A 7 -6.77 2.28 3.10
N LYS A 8 -6.39 1.18 2.53
CA LYS A 8 -6.55 -0.12 3.26
C LYS A 8 -5.19 -0.79 3.43
N ARG A 9 -4.96 -1.43 4.54
CA ARG A 9 -3.65 -2.10 4.75
C ARG A 9 -3.25 -2.85 3.48
N CYS A 10 -2.04 -2.67 3.04
CA CYS A 10 -1.59 -3.36 1.79
C CYS A 10 -0.69 -4.54 2.12
N LYS A 11 -0.39 -5.37 1.15
CA LYS A 11 0.50 -6.53 1.41
C LYS A 11 1.90 -6.22 0.89
N ALA A 12 1.99 -5.30 -0.04
CA ALA A 12 3.32 -4.92 -0.60
C ALA A 12 3.25 -3.51 -1.18
N ASP A 13 4.38 -2.89 -1.39
CA ASP A 13 4.37 -1.51 -1.95
C ASP A 13 3.48 -1.43 -3.21
N ASN A 14 3.66 -2.35 -4.13
CA ASN A 14 2.84 -2.32 -5.38
C ASN A 14 1.56 -3.16 -5.22
N ASP A 15 0.79 -2.91 -4.20
CA ASP A 15 -0.47 -3.68 -4.01
C ASP A 15 -1.67 -2.73 -4.02
N CYS A 16 -1.46 -1.50 -3.63
CA CYS A 16 -2.56 -0.50 -3.62
C CYS A 16 -2.82 0.01 -5.02
N CYS A 17 -3.86 0.78 -5.20
CA CYS A 17 -4.14 1.34 -6.55
C CYS A 17 -3.21 2.52 -6.80
N GLY A 18 -2.52 2.95 -5.78
CA GLY A 18 -1.57 4.09 -5.96
C GLY A 18 -0.17 3.50 -6.11
N LYS A 19 -0.03 2.21 -5.88
CA LYS A 19 1.31 1.57 -6.00
C LYS A 19 2.27 2.24 -5.02
N LYS A 20 1.74 2.94 -4.06
CA LYS A 20 2.60 3.63 -3.06
C LYS A 20 2.00 3.44 -1.67
N CYS A 21 2.27 2.33 -1.05
CA CYS A 21 1.72 2.09 0.31
C CYS A 21 2.59 2.86 1.32
N LYS A 22 2.31 2.78 2.59
CA LYS A 22 3.16 3.55 3.55
C LYS A 22 3.34 2.80 4.88
N ARG A 23 4.54 2.35 5.16
CA ARG A 23 4.84 1.64 6.44
C ARG A 23 5.63 2.55 7.38
N ARG A 24 5.45 2.37 8.65
CA ARG A 24 6.19 3.21 9.63
C ARG A 24 7.63 2.68 9.77
N GLY A 25 8.32 2.54 8.66
CA GLY A 25 9.72 2.02 8.71
C GLY A 25 10.22 1.81 7.28
N THR A 26 10.94 2.78 6.75
CA THR A 26 11.46 2.66 5.35
C THR A 26 10.43 1.99 4.45
N ASN A 27 9.19 2.29 4.66
CA ASN A 27 8.11 1.68 3.82
C ASN A 27 8.22 0.16 3.81
N ALA A 28 7.18 -0.53 3.41
CA ALA A 28 7.23 -2.02 3.37
C ALA A 28 5.84 -2.60 3.18
N GLU A 29 4.98 -2.45 4.15
CA GLU A 29 3.61 -3.00 4.01
C GLU A 29 2.72 -2.54 5.18
N LYS A 30 2.24 -1.32 5.12
CA LYS A 30 1.34 -0.83 6.21
C LYS A 30 -0.05 -0.52 5.66
N ARG A 31 -0.22 0.64 5.12
CA ARG A 31 -1.55 1.02 4.55
C ARG A 31 -1.34 1.85 3.28
N CYS A 32 -2.23 1.74 2.34
CA CYS A 32 -2.07 2.52 1.08
C CYS A 32 -2.15 4.02 1.36
N ARG A 33 -1.14 4.77 1.00
CA ARG A 33 -1.18 6.24 1.24
C ARG A 33 -0.54 6.98 0.07
N GLY A 1 -5.42 -9.67 -7.03
CA GLY A 1 -6.26 -9.33 -8.22
C GLY A 1 -6.54 -7.84 -8.23
N ASP A 2 -7.71 -7.43 -7.83
CA ASP A 2 -8.04 -5.98 -7.83
C ASP A 2 -7.06 -5.22 -6.92
N CYS A 3 -6.43 -4.20 -7.44
CA CYS A 3 -5.46 -3.42 -6.61
C CYS A 3 -6.11 -2.99 -5.29
N LEU A 4 -5.32 -2.63 -4.31
CA LEU A 4 -5.91 -2.17 -3.03
C LEU A 4 -6.11 -0.65 -3.12
N PRO A 5 -7.08 -0.17 -2.40
CA PRO A 5 -7.40 1.27 -2.41
C PRO A 5 -6.25 2.08 -1.81
N HIS A 6 -6.37 3.39 -1.83
CA HIS A 6 -5.29 4.23 -1.29
C HIS A 6 -5.47 4.46 0.21
N LEU A 7 -5.99 3.48 0.91
CA LEU A 7 -6.18 3.65 2.36
C LEU A 7 -6.34 2.29 3.09
N LYS A 8 -6.30 1.18 2.41
CA LYS A 8 -6.45 -0.13 3.12
C LYS A 8 -5.07 -0.68 3.49
N ARG A 9 -5.02 -1.85 4.05
CA ARG A 9 -3.70 -2.43 4.42
C ARG A 9 -3.05 -3.04 3.17
N CYS A 10 -1.78 -2.83 2.97
CA CYS A 10 -1.11 -3.40 1.75
C CYS A 10 -0.08 -4.43 2.13
N LYS A 11 -0.03 -5.52 1.41
CA LYS A 11 0.98 -6.57 1.68
C LYS A 11 2.23 -6.29 0.83
N ALA A 12 2.11 -5.40 -0.12
CA ALA A 12 3.27 -5.06 -0.98
C ALA A 12 3.09 -3.67 -1.57
N ASP A 13 4.13 -2.90 -1.67
CA ASP A 13 4.01 -1.52 -2.22
C ASP A 13 3.18 -1.52 -3.52
N ASN A 14 3.27 -2.54 -4.31
CA ASN A 14 2.50 -2.57 -5.60
C ASN A 14 1.12 -3.22 -5.42
N ASP A 15 0.60 -3.24 -4.21
CA ASP A 15 -0.75 -3.85 -4.02
C ASP A 15 -1.83 -2.77 -4.09
N CYS A 16 -1.53 -1.59 -3.65
CA CYS A 16 -2.52 -0.47 -3.70
C CYS A 16 -2.63 0.07 -5.11
N CYS A 17 -3.70 0.73 -5.42
CA CYS A 17 -3.81 1.32 -6.78
C CYS A 17 -2.97 2.58 -6.86
N GLY A 18 -2.52 3.05 -5.73
CA GLY A 18 -1.64 4.26 -5.74
C GLY A 18 -0.22 3.79 -5.96
N LYS A 19 0.01 2.49 -5.88
CA LYS A 19 1.37 1.93 -6.08
C LYS A 19 2.32 2.56 -5.06
N LYS A 20 1.78 3.16 -4.04
CA LYS A 20 2.64 3.78 -3.00
C LYS A 20 2.04 3.53 -1.62
N CYS A 21 2.25 2.36 -1.08
CA CYS A 21 1.70 2.07 0.26
C CYS A 21 2.62 2.73 1.31
N LYS A 22 2.15 2.97 2.50
CA LYS A 22 3.04 3.62 3.51
C LYS A 22 3.08 2.83 4.82
N ARG A 23 4.22 2.28 5.15
CA ARG A 23 4.33 1.50 6.42
C ARG A 23 4.41 2.45 7.61
N ARG A 24 4.63 1.93 8.80
CA ARG A 24 4.74 2.81 9.99
C ARG A 24 6.14 3.40 10.06
N GLY A 25 6.61 3.97 8.99
CA GLY A 25 7.98 4.55 8.97
C GLY A 25 8.30 5.11 7.58
N THR A 26 8.50 4.25 6.61
CA THR A 26 8.81 4.75 5.24
C THR A 26 8.40 3.71 4.18
N ASN A 27 7.14 3.74 3.79
CA ASN A 27 6.63 2.77 2.76
C ASN A 27 7.20 1.37 2.89
N ALA A 28 6.37 0.43 3.25
CA ALA A 28 6.84 -0.98 3.39
C ALA A 28 5.64 -1.92 3.34
N GLU A 29 4.61 -1.65 4.11
CA GLU A 29 3.41 -2.54 4.09
C GLU A 29 2.43 -2.23 5.23
N LYS A 30 1.96 -1.02 5.35
CA LYS A 30 0.96 -0.77 6.42
C LYS A 30 -0.39 -0.41 5.79
N ARG A 31 -0.53 0.78 5.31
CA ARG A 31 -1.83 1.16 4.68
C ARG A 31 -1.58 1.98 3.40
N CYS A 32 -2.24 1.63 2.34
CA CYS A 32 -2.05 2.38 1.06
C CYS A 32 -2.05 3.88 1.34
N ARG A 33 -0.94 4.54 1.12
CA ARG A 33 -0.87 6.00 1.39
C ARG A 33 -0.13 6.72 0.27
N GLY A 1 -5.89 -7.07 -13.56
CA GLY A 1 -5.76 -7.54 -12.16
C GLY A 1 -6.69 -6.73 -11.26
N ASP A 2 -6.17 -6.18 -10.19
CA ASP A 2 -7.03 -5.38 -9.27
C ASP A 2 -6.19 -4.82 -8.11
N CYS A 3 -5.79 -3.59 -8.21
CA CYS A 3 -4.97 -2.99 -7.11
C CYS A 3 -5.85 -2.70 -5.88
N LEU A 4 -5.25 -2.31 -4.80
CA LEU A 4 -6.05 -2.03 -3.57
C LEU A 4 -6.30 -0.52 -3.45
N PRO A 5 -7.23 -0.16 -2.59
CA PRO A 5 -7.58 1.27 -2.38
C PRO A 5 -6.41 2.02 -1.73
N HIS A 6 -6.45 3.32 -1.75
CA HIS A 6 -5.35 4.10 -1.13
C HIS A 6 -5.65 4.34 0.36
N LEU A 7 -6.30 3.40 0.97
CA LEU A 7 -6.64 3.54 2.40
C LEU A 7 -6.95 2.16 3.00
N LYS A 8 -6.07 1.21 2.80
CA LYS A 8 -6.31 -0.15 3.35
C LYS A 8 -4.97 -0.88 3.50
N ARG A 9 -4.76 -1.52 4.62
CA ARG A 9 -3.47 -2.26 4.82
C ARG A 9 -3.13 -3.07 3.57
N CYS A 10 -1.88 -3.08 3.19
CA CYS A 10 -1.49 -3.85 1.97
C CYS A 10 -0.40 -4.88 2.31
N LYS A 11 -0.30 -5.92 1.53
CA LYS A 11 0.73 -6.97 1.80
C LYS A 11 2.02 -6.61 1.08
N ALA A 12 1.98 -5.64 0.21
CA ALA A 12 3.20 -5.24 -0.54
C ALA A 12 3.07 -3.81 -1.05
N ASP A 13 4.17 -3.17 -1.35
CA ASP A 13 4.11 -1.77 -1.86
C ASP A 13 3.31 -1.71 -3.16
N ASN A 14 3.41 -2.71 -3.99
CA ASN A 14 2.65 -2.69 -5.28
C ASN A 14 1.27 -3.33 -5.11
N ASP A 15 0.63 -3.11 -3.99
CA ASP A 15 -0.72 -3.70 -3.78
C ASP A 15 -1.79 -2.60 -3.81
N CYS A 16 -1.39 -1.38 -3.59
CA CYS A 16 -2.36 -0.24 -3.61
C CYS A 16 -2.63 0.21 -5.05
N CYS A 17 -3.70 0.93 -5.25
CA CYS A 17 -4.02 1.42 -6.62
C CYS A 17 -3.16 2.66 -6.90
N GLY A 18 -2.53 3.20 -5.89
CA GLY A 18 -1.67 4.39 -6.11
C GLY A 18 -0.22 3.92 -6.27
N LYS A 19 0.01 2.63 -6.12
CA LYS A 19 1.40 2.11 -6.26
C LYS A 19 2.26 2.71 -5.16
N LYS A 20 1.64 3.17 -4.11
CA LYS A 20 2.41 3.78 -2.98
C LYS A 20 1.77 3.43 -1.65
N CYS A 21 2.16 2.32 -1.08
CA CYS A 21 1.60 1.93 0.24
C CYS A 21 2.49 2.50 1.34
N LYS A 22 1.95 3.22 2.28
CA LYS A 22 2.81 3.81 3.36
C LYS A 22 3.05 2.81 4.49
N ARG A 23 4.29 2.60 4.85
CA ARG A 23 4.60 1.64 5.95
C ARG A 23 4.88 2.42 7.24
N ARG A 24 5.12 1.73 8.34
CA ARG A 24 5.39 2.44 9.61
C ARG A 24 6.05 1.50 10.62
N GLY A 25 6.96 0.68 10.17
CA GLY A 25 7.64 -0.26 11.09
C GLY A 25 9.06 -0.52 10.61
N THR A 26 9.19 -1.23 9.52
CA THR A 26 10.55 -1.51 8.98
C THR A 26 10.46 -1.67 7.46
N ASN A 27 10.33 -0.59 6.74
CA ASN A 27 10.24 -0.70 5.26
C ASN A 27 8.99 -1.50 4.88
N ALA A 28 8.98 -2.04 3.70
CA ALA A 28 7.81 -2.84 3.24
C ALA A 28 6.59 -1.95 2.97
N GLU A 29 5.52 -2.12 3.70
CA GLU A 29 4.31 -1.28 3.47
C GLU A 29 3.27 -1.54 4.56
N LYS A 30 2.58 -0.53 5.01
CA LYS A 30 1.57 -0.76 6.07
C LYS A 30 0.17 -0.49 5.53
N ARG A 31 -0.10 0.72 5.11
CA ARG A 31 -1.46 1.03 4.58
C ARG A 31 -1.36 1.79 3.26
N CYS A 32 -2.30 1.57 2.37
CA CYS A 32 -2.27 2.28 1.05
C CYS A 32 -2.66 3.75 1.21
N ARG A 33 -1.94 4.64 0.59
CA ARG A 33 -2.30 6.10 0.70
C ARG A 33 -1.64 6.89 -0.43
N GLY A 1 -6.24 -3.63 -14.22
CA GLY A 1 -5.45 -3.07 -13.08
C GLY A 1 -5.66 -3.94 -11.84
N ASP A 2 -6.84 -3.89 -11.28
CA ASP A 2 -7.11 -4.71 -10.06
C ASP A 2 -6.09 -4.39 -8.95
N CYS A 3 -6.34 -3.37 -8.19
CA CYS A 3 -5.39 -3.00 -7.10
C CYS A 3 -6.16 -2.73 -5.80
N LEU A 4 -5.46 -2.36 -4.76
CA LEU A 4 -6.16 -2.08 -3.47
C LEU A 4 -6.44 -0.59 -3.35
N PRO A 5 -7.33 -0.26 -2.46
CA PRO A 5 -7.74 1.16 -2.23
C PRO A 5 -6.58 2.00 -1.71
N HIS A 6 -6.72 3.29 -1.72
CA HIS A 6 -5.64 4.18 -1.25
C HIS A 6 -5.77 4.47 0.25
N LEU A 7 -6.25 3.53 1.00
CA LEU A 7 -6.38 3.73 2.46
C LEU A 7 -6.54 2.40 3.19
N LYS A 8 -6.16 1.31 2.58
CA LYS A 8 -6.29 -0.01 3.25
C LYS A 8 -4.92 -0.66 3.39
N ARG A 9 -4.77 -1.56 4.32
CA ARG A 9 -3.45 -2.22 4.49
C ARG A 9 -2.99 -2.85 3.17
N CYS A 10 -1.75 -3.28 3.09
CA CYS A 10 -1.27 -3.89 1.82
C CYS A 10 -0.25 -4.99 2.13
N LYS A 11 -0.16 -5.97 1.28
CA LYS A 11 0.83 -7.07 1.51
C LYS A 11 2.19 -6.64 0.97
N ALA A 12 2.21 -5.78 -0.02
CA ALA A 12 3.49 -5.30 -0.58
C ALA A 12 3.34 -3.88 -1.13
N ASP A 13 4.39 -3.12 -1.13
CA ASP A 13 4.29 -1.72 -1.64
C ASP A 13 3.50 -1.68 -2.95
N ASN A 14 3.65 -2.68 -3.78
CA ASN A 14 2.92 -2.69 -5.08
C ASN A 14 1.56 -3.39 -4.95
N ASP A 15 0.73 -2.96 -4.03
CA ASP A 15 -0.61 -3.61 -3.87
C ASP A 15 -1.73 -2.55 -3.87
N CYS A 16 -1.40 -1.32 -3.61
CA CYS A 16 -2.42 -0.24 -3.58
C CYS A 16 -2.75 0.23 -5.01
N CYS A 17 -3.82 0.94 -5.17
CA CYS A 17 -4.16 1.46 -6.51
C CYS A 17 -3.30 2.69 -6.80
N GLY A 18 -2.56 3.14 -5.82
CA GLY A 18 -1.67 4.32 -6.05
C GLY A 18 -0.23 3.83 -6.21
N LYS A 19 -0.02 2.54 -6.06
CA LYS A 19 1.36 2.01 -6.20
C LYS A 19 2.26 2.62 -5.12
N LYS A 20 1.73 2.83 -3.96
CA LYS A 20 2.55 3.43 -2.87
C LYS A 20 1.92 3.15 -1.50
N CYS A 21 2.10 1.97 -0.97
CA CYS A 21 1.52 1.69 0.36
C CYS A 21 2.44 2.31 1.41
N LYS A 22 1.92 3.15 2.28
CA LYS A 22 2.80 3.80 3.29
C LYS A 22 2.97 2.93 4.54
N ARG A 23 4.19 2.61 4.87
CA ARG A 23 4.44 1.77 6.07
C ARG A 23 4.54 2.65 7.33
N ARG A 24 4.92 2.07 8.43
CA ARG A 24 5.06 2.86 9.68
C ARG A 24 5.96 2.13 10.67
N GLY A 25 7.06 1.61 10.21
CA GLY A 25 7.99 0.88 11.11
C GLY A 25 9.39 0.82 10.48
N THR A 26 9.67 -0.24 9.78
CA THR A 26 11.01 -0.37 9.12
C THR A 26 10.84 -0.56 7.62
N ASN A 27 10.48 0.48 6.91
CA ASN A 27 10.29 0.35 5.44
C ASN A 27 9.15 -0.62 5.13
N ALA A 28 9.18 -1.17 3.96
CA ALA A 28 8.11 -2.14 3.55
C ALA A 28 6.80 -1.41 3.22
N GLU A 29 5.74 -1.68 3.94
CA GLU A 29 4.45 -0.99 3.63
C GLU A 29 3.39 -1.36 4.66
N LYS A 30 2.54 -0.43 5.02
CA LYS A 30 1.48 -0.73 6.02
C LYS A 30 0.10 -0.49 5.42
N ARG A 31 -0.19 0.72 5.06
CA ARG A 31 -1.53 1.02 4.46
C ARG A 31 -1.38 1.84 3.19
N CYS A 32 -2.33 1.76 2.30
CA CYS A 32 -2.25 2.53 1.03
C CYS A 32 -2.39 4.04 1.27
N ARG A 33 -1.39 4.80 0.93
CA ARG A 33 -1.48 6.29 1.13
C ARG A 33 -0.59 7.00 0.11
N GLY A 1 -5.42 -6.74 -12.79
CA GLY A 1 -6.52 -7.22 -11.93
C GLY A 1 -7.19 -6.03 -11.23
N ASP A 2 -7.10 -5.98 -9.93
CA ASP A 2 -7.73 -4.84 -9.19
C ASP A 2 -6.89 -4.49 -7.95
N CYS A 3 -5.91 -3.64 -8.11
CA CYS A 3 -5.06 -3.25 -6.95
C CYS A 3 -5.93 -2.89 -5.74
N LEU A 4 -5.30 -2.61 -4.62
CA LEU A 4 -6.08 -2.25 -3.41
C LEU A 4 -6.38 -0.75 -3.39
N PRO A 5 -7.30 -0.37 -2.56
CA PRO A 5 -7.69 1.07 -2.45
C PRO A 5 -6.53 1.91 -1.90
N HIS A 6 -6.62 3.21 -2.01
CA HIS A 6 -5.54 4.07 -1.50
C HIS A 6 -5.78 4.41 -0.03
N LEU A 7 -6.29 3.48 0.71
CA LEU A 7 -6.54 3.72 2.14
C LEU A 7 -6.71 2.40 2.91
N LYS A 8 -6.27 1.30 2.36
CA LYS A 8 -6.42 0.00 3.08
C LYS A 8 -5.05 -0.65 3.28
N ARG A 9 -4.91 -1.47 4.28
CA ARG A 9 -3.60 -2.13 4.52
C ARG A 9 -3.08 -2.76 3.22
N CYS A 10 -1.79 -2.86 3.07
CA CYS A 10 -1.22 -3.47 1.84
C CYS A 10 -0.08 -4.44 2.19
N LYS A 11 -0.05 -5.57 1.55
CA LYS A 11 1.02 -6.56 1.83
C LYS A 11 2.29 -6.20 1.05
N ALA A 12 2.13 -5.62 -0.11
CA ALA A 12 3.32 -5.25 -0.92
C ALA A 12 3.11 -3.88 -1.57
N ASP A 13 4.12 -3.06 -1.59
CA ASP A 13 3.99 -1.72 -2.20
C ASP A 13 3.18 -1.79 -3.51
N ASN A 14 3.26 -2.91 -4.19
CA ASN A 14 2.50 -3.05 -5.46
C ASN A 14 1.10 -3.62 -5.24
N ASP A 15 0.52 -3.39 -4.10
CA ASP A 15 -0.86 -3.92 -3.83
C ASP A 15 -1.87 -2.78 -3.76
N CYS A 16 -1.41 -1.57 -3.59
CA CYS A 16 -2.34 -0.42 -3.52
C CYS A 16 -2.62 0.14 -4.91
N CYS A 17 -3.74 0.76 -5.11
CA CYS A 17 -4.02 1.35 -6.43
C CYS A 17 -3.28 2.68 -6.56
N GLY A 18 -2.62 3.10 -5.49
CA GLY A 18 -1.85 4.36 -5.56
C GLY A 18 -0.38 4.02 -5.79
N LYS A 19 -0.05 2.76 -5.77
CA LYS A 19 1.37 2.37 -5.99
C LYS A 19 2.23 3.00 -4.90
N LYS A 20 1.62 3.38 -3.81
CA LYS A 20 2.40 4.01 -2.71
C LYS A 20 1.91 3.52 -1.34
N CYS A 21 2.18 2.29 -1.01
CA CYS A 21 1.77 1.80 0.33
C CYS A 21 2.79 2.33 1.34
N LYS A 22 2.36 2.89 2.45
CA LYS A 22 3.38 3.46 3.39
C LYS A 22 3.40 2.77 4.76
N ARG A 23 4.56 2.26 5.12
CA ARG A 23 4.77 1.59 6.45
C ARG A 23 5.00 2.66 7.52
N ARG A 24 5.09 2.29 8.76
CA ARG A 24 5.33 3.32 9.81
C ARG A 24 6.82 3.70 9.82
N GLY A 25 7.35 4.06 8.69
CA GLY A 25 8.79 4.44 8.60
C GLY A 25 9.12 4.87 7.17
N THR A 26 9.24 3.95 6.26
CA THR A 26 9.56 4.31 4.86
C THR A 26 8.97 3.29 3.87
N ASN A 27 7.69 3.39 3.60
CA ASN A 27 7.01 2.46 2.64
C ASN A 27 7.51 1.01 2.76
N ALA A 28 6.67 0.12 3.21
CA ALA A 28 7.08 -1.30 3.34
C ALA A 28 5.86 -2.22 3.38
N GLU A 29 4.91 -1.92 4.24
CA GLU A 29 3.70 -2.80 4.33
C GLU A 29 2.73 -2.31 5.41
N LYS A 30 2.20 -1.12 5.29
CA LYS A 30 1.23 -0.64 6.32
C LYS A 30 -0.13 -0.40 5.68
N ARG A 31 -0.33 0.77 5.12
CA ARG A 31 -1.64 1.07 4.48
C ARG A 31 -1.44 1.92 3.22
N CYS A 32 -2.27 1.70 2.24
CA CYS A 32 -2.14 2.49 0.97
C CYS A 32 -2.26 3.99 1.25
N ARG A 33 -1.16 4.69 1.29
CA ARG A 33 -1.22 6.15 1.55
C ARG A 33 0.07 6.83 1.10
N GLY A 1 -8.88 -4.05 -12.96
CA GLY A 1 -7.51 -4.58 -12.72
C GLY A 1 -7.42 -5.17 -11.32
N ASP A 2 -6.26 -5.12 -10.72
CA ASP A 2 -6.10 -5.67 -9.34
C ASP A 2 -5.26 -4.72 -8.49
N CYS A 3 -5.79 -4.25 -7.39
CA CYS A 3 -5.02 -3.31 -6.54
C CYS A 3 -5.80 -2.96 -5.27
N LEU A 4 -5.13 -2.52 -4.24
CA LEU A 4 -5.84 -2.14 -3.00
C LEU A 4 -6.19 -0.65 -3.08
N PRO A 5 -7.10 -0.25 -2.23
CA PRO A 5 -7.54 1.18 -2.19
C PRO A 5 -6.41 2.08 -1.72
N HIS A 6 -6.67 3.36 -1.62
CA HIS A 6 -5.62 4.30 -1.16
C HIS A 6 -5.67 4.47 0.35
N LEU A 7 -6.10 3.47 1.05
CA LEU A 7 -6.16 3.56 2.53
C LEU A 7 -6.28 2.19 3.22
N LYS A 8 -6.42 1.12 2.51
CA LYS A 8 -6.54 -0.21 3.20
C LYS A 8 -5.15 -0.82 3.36
N ARG A 9 -4.98 -1.68 4.33
CA ARG A 9 -3.66 -2.31 4.52
C ARG A 9 -3.19 -2.92 3.20
N CYS A 10 -1.90 -2.94 2.97
CA CYS A 10 -1.40 -3.51 1.69
C CYS A 10 -0.34 -4.59 1.95
N LYS A 11 -0.40 -5.67 1.23
CA LYS A 11 0.61 -6.75 1.42
C LYS A 11 1.88 -6.41 0.62
N ALA A 12 1.76 -5.53 -0.33
CA ALA A 12 2.94 -5.14 -1.14
C ALA A 12 2.85 -3.65 -1.53
N ASP A 13 3.96 -2.98 -1.54
CA ASP A 13 3.94 -1.53 -1.89
C ASP A 13 3.07 -1.27 -3.13
N ASN A 14 3.11 -2.16 -4.08
CA ASN A 14 2.32 -1.96 -5.33
C ASN A 14 0.89 -2.53 -5.17
N ASP A 15 0.70 -3.44 -4.25
CA ASP A 15 -0.66 -4.03 -4.07
C ASP A 15 -1.73 -2.93 -4.13
N CYS A 16 -1.40 -1.74 -3.70
CA CYS A 16 -2.38 -0.62 -3.72
C CYS A 16 -2.53 -0.07 -5.13
N CYS A 17 -3.59 0.64 -5.40
CA CYS A 17 -3.76 1.22 -6.75
C CYS A 17 -2.90 2.47 -6.86
N GLY A 18 -2.44 2.98 -5.75
CA GLY A 18 -1.56 4.17 -5.80
C GLY A 18 -0.12 3.71 -6.04
N LYS A 19 0.09 2.41 -5.96
CA LYS A 19 1.46 1.86 -6.17
C LYS A 19 2.42 2.47 -5.16
N LYS A 20 1.90 3.06 -4.12
CA LYS A 20 2.76 3.68 -3.10
C LYS A 20 2.14 3.50 -1.71
N CYS A 21 2.36 2.38 -1.09
CA CYS A 21 1.78 2.17 0.26
C CYS A 21 2.67 2.91 1.28
N LYS A 22 2.33 2.89 2.54
CA LYS A 22 3.19 3.62 3.53
C LYS A 22 3.23 2.89 4.88
N ARG A 23 4.39 2.43 5.28
CA ARG A 23 4.55 1.72 6.59
C ARG A 23 4.54 2.73 7.74
N ARG A 24 4.43 2.25 8.96
CA ARG A 24 4.42 3.19 10.12
C ARG A 24 5.85 3.55 10.51
N GLY A 25 6.64 4.01 9.57
CA GLY A 25 8.05 4.38 9.89
C GLY A 25 8.63 5.17 8.72
N THR A 26 8.97 4.50 7.65
CA THR A 26 9.55 5.21 6.47
C THR A 26 9.07 4.57 5.18
N ASN A 27 7.78 4.39 5.04
CA ASN A 27 7.24 3.76 3.79
C ASN A 27 7.82 2.36 3.62
N ALA A 28 6.99 1.39 3.40
CA ALA A 28 7.50 0.00 3.21
C ALA A 28 6.37 -1.02 3.19
N GLU A 29 5.33 -0.82 3.97
CA GLU A 29 4.20 -1.81 3.96
C GLU A 29 3.24 -1.62 5.14
N LYS A 30 2.18 -0.88 4.94
CA LYS A 30 1.16 -0.71 6.02
C LYS A 30 -0.19 -0.41 5.41
N ARG A 31 -0.46 0.85 5.17
CA ARG A 31 -1.77 1.22 4.55
C ARG A 31 -1.53 1.95 3.23
N CYS A 32 -2.30 1.63 2.22
CA CYS A 32 -2.10 2.31 0.91
C CYS A 32 -2.20 3.84 1.08
N ARG A 33 -1.21 4.56 0.64
CA ARG A 33 -1.26 6.05 0.79
C ARG A 33 -0.79 6.73 -0.50
N GLY A 1 -8.04 -1.22 -11.84
CA GLY A 1 -7.86 -2.54 -12.53
C GLY A 1 -7.95 -3.66 -11.50
N ASP A 2 -6.85 -3.99 -10.88
CA ASP A 2 -6.87 -5.08 -9.86
C ASP A 2 -5.87 -4.77 -8.73
N CYS A 3 -6.10 -3.70 -8.01
CA CYS A 3 -5.17 -3.34 -6.90
C CYS A 3 -5.96 -2.98 -5.64
N LEU A 4 -5.28 -2.70 -4.56
CA LEU A 4 -5.99 -2.33 -3.31
C LEU A 4 -6.29 -0.84 -3.30
N PRO A 5 -7.20 -0.45 -2.45
CA PRO A 5 -7.61 0.97 -2.33
C PRO A 5 -6.43 1.82 -1.81
N HIS A 6 -6.53 3.11 -1.94
CA HIS A 6 -5.44 3.99 -1.46
C HIS A 6 -5.66 4.37 0.00
N LEU A 7 -6.18 3.46 0.78
CA LEU A 7 -6.40 3.75 2.21
C LEU A 7 -6.59 2.45 3.01
N LYS A 8 -6.17 1.34 2.47
CA LYS A 8 -6.33 0.06 3.23
C LYS A 8 -4.97 -0.63 3.38
N ARG A 9 -4.84 -1.49 4.34
CA ARG A 9 -3.54 -2.18 4.52
C ARG A 9 -3.09 -2.83 3.20
N CYS A 10 -1.81 -2.98 3.01
CA CYS A 10 -1.33 -3.60 1.74
C CYS A 10 -0.26 -4.65 2.02
N LYS A 11 -0.34 -5.77 1.36
CA LYS A 11 0.67 -6.83 1.57
C LYS A 11 1.90 -6.54 0.70
N ALA A 12 1.80 -5.57 -0.17
CA ALA A 12 2.94 -5.22 -1.05
C ALA A 12 2.82 -3.75 -1.50
N ASP A 13 3.87 -3.00 -1.34
CA ASP A 13 3.83 -1.56 -1.74
C ASP A 13 3.06 -1.38 -3.06
N ASN A 14 3.12 -2.33 -3.94
CA ASN A 14 2.40 -2.19 -5.24
C ASN A 14 0.98 -2.77 -5.16
N ASP A 15 0.63 -3.43 -4.09
CA ASP A 15 -0.75 -3.99 -3.99
C ASP A 15 -1.78 -2.87 -3.96
N CYS A 16 -1.36 -1.68 -3.63
CA CYS A 16 -2.31 -0.53 -3.57
C CYS A 16 -2.59 0.01 -4.97
N CYS A 17 -3.69 0.67 -5.15
CA CYS A 17 -4.00 1.25 -6.49
C CYS A 17 -3.20 2.55 -6.67
N GLY A 18 -2.52 2.99 -5.64
CA GLY A 18 -1.71 4.23 -5.75
C GLY A 18 -0.25 3.83 -5.98
N LYS A 19 0.05 2.56 -5.90
CA LYS A 19 1.45 2.10 -6.12
C LYS A 19 2.37 2.73 -5.08
N LYS A 20 1.81 3.22 -4.00
CA LYS A 20 2.66 3.84 -2.95
C LYS A 20 2.05 3.59 -1.57
N CYS A 21 2.33 2.47 -0.98
CA CYS A 21 1.76 2.18 0.37
C CYS A 21 2.60 2.94 1.41
N LYS A 22 2.22 2.93 2.66
CA LYS A 22 3.03 3.70 3.66
C LYS A 22 3.23 2.92 4.96
N ARG A 23 4.45 2.45 5.18
CA ARG A 23 4.82 1.69 6.41
C ARG A 23 5.02 2.65 7.59
N ARG A 24 5.05 2.14 8.79
CA ARG A 24 5.24 3.03 9.96
C ARG A 24 6.73 3.38 10.12
N GLY A 25 7.32 3.91 9.08
CA GLY A 25 8.77 4.27 9.16
C GLY A 25 9.25 4.79 7.80
N THR A 26 9.60 3.90 6.90
CA THR A 26 10.06 4.35 5.56
C THR A 26 9.52 3.41 4.48
N ASN A 27 8.22 3.38 4.31
CA ASN A 27 7.60 2.49 3.27
C ASN A 27 8.02 1.04 3.48
N ALA A 28 7.12 0.13 3.22
CA ALA A 28 7.45 -1.32 3.40
C ALA A 28 6.19 -2.16 3.26
N GLU A 29 5.17 -1.85 4.02
CA GLU A 29 3.91 -2.65 3.94
C GLU A 29 2.94 -2.30 5.08
N LYS A 30 2.33 -1.14 5.04
CA LYS A 30 1.36 -0.77 6.12
C LYS A 30 -0.01 -0.48 5.52
N ARG A 31 -0.23 0.74 5.11
CA ARG A 31 -1.56 1.09 4.51
C ARG A 31 -1.35 1.87 3.21
N CYS A 32 -2.22 1.67 2.25
CA CYS A 32 -2.07 2.38 0.95
C CYS A 32 -2.23 3.89 1.16
N ARG A 33 -1.23 4.66 0.83
CA ARG A 33 -1.33 6.14 1.01
C ARG A 33 -0.51 6.86 -0.07
N GLY A 1 -5.67 -7.75 -12.08
CA GLY A 1 -6.17 -6.34 -12.10
C GLY A 1 -7.07 -6.09 -10.89
N ASP A 2 -6.49 -6.01 -9.72
CA ASP A 2 -7.30 -5.77 -8.49
C ASP A 2 -6.45 -5.15 -7.39
N CYS A 3 -5.83 -4.03 -7.67
CA CYS A 3 -4.98 -3.38 -6.62
C CYS A 3 -5.85 -2.96 -5.45
N LEU A 4 -5.25 -2.64 -4.33
CA LEU A 4 -6.03 -2.22 -3.14
C LEU A 4 -6.30 -0.71 -3.21
N PRO A 5 -7.23 -0.29 -2.42
CA PRO A 5 -7.58 1.16 -2.37
C PRO A 5 -6.41 1.98 -1.83
N HIS A 6 -6.47 3.28 -1.95
CA HIS A 6 -5.35 4.12 -1.45
C HIS A 6 -5.55 4.45 0.03
N LEU A 7 -6.08 3.54 0.78
CA LEU A 7 -6.29 3.79 2.22
C LEU A 7 -6.52 2.48 2.97
N LYS A 8 -6.11 1.37 2.42
CA LYS A 8 -6.31 0.07 3.12
C LYS A 8 -4.96 -0.61 3.34
N ARG A 9 -4.90 -1.55 4.24
CA ARG A 9 -3.62 -2.25 4.49
C ARG A 9 -3.10 -2.87 3.19
N CYS A 10 -1.82 -2.81 2.96
CA CYS A 10 -1.26 -3.39 1.70
C CYS A 10 -0.19 -4.45 2.02
N LYS A 11 -0.20 -5.53 1.30
CA LYS A 11 0.81 -6.60 1.54
C LYS A 11 2.10 -6.25 0.79
N ALA A 12 2.05 -5.28 -0.09
CA ALA A 12 3.26 -4.89 -0.85
C ALA A 12 3.11 -3.46 -1.38
N ASP A 13 4.18 -2.87 -1.83
CA ASP A 13 4.11 -1.47 -2.35
C ASP A 13 3.17 -1.40 -3.56
N ASN A 14 3.18 -2.38 -4.40
CA ASN A 14 2.29 -2.36 -5.60
C ASN A 14 0.92 -2.95 -5.28
N ASP A 15 0.67 -3.28 -4.04
CA ASP A 15 -0.65 -3.85 -3.67
C ASP A 15 -1.74 -2.78 -3.72
N CYS A 16 -1.38 -1.55 -3.44
CA CYS A 16 -2.38 -0.44 -3.47
C CYS A 16 -2.64 -0.01 -4.91
N CYS A 17 -3.73 0.66 -5.14
CA CYS A 17 -4.02 1.13 -6.52
C CYS A 17 -3.21 2.40 -6.79
N GLY A 18 -2.53 2.91 -5.79
CA GLY A 18 -1.71 4.13 -6.00
C GLY A 18 -0.25 3.71 -6.13
N LYS A 19 0.03 2.44 -6.00
CA LYS A 19 1.43 1.98 -6.11
C LYS A 19 2.28 2.70 -5.07
N LYS A 20 1.66 3.18 -4.02
CA LYS A 20 2.42 3.90 -2.97
C LYS A 20 1.91 3.51 -1.58
N CYS A 21 2.19 2.30 -1.15
CA CYS A 21 1.73 1.89 0.20
C CYS A 21 2.68 2.50 1.24
N LYS A 22 2.26 2.67 2.47
CA LYS A 22 3.20 3.29 3.46
C LYS A 22 3.17 2.54 4.80
N ARG A 23 4.31 2.08 5.26
CA ARG A 23 4.40 1.36 6.55
C ARG A 23 4.39 2.37 7.70
N ARG A 24 4.46 1.91 8.92
CA ARG A 24 4.50 2.87 10.06
C ARG A 24 5.92 3.45 10.15
N GLY A 25 6.38 4.02 9.08
CA GLY A 25 7.75 4.59 9.04
C GLY A 25 8.39 4.19 7.71
N THR A 26 8.97 5.11 7.00
CA THR A 26 9.59 4.78 5.68
C THR A 26 8.71 3.79 4.92
N ASN A 27 7.83 4.31 4.09
CA ASN A 27 6.89 3.46 3.28
C ASN A 27 7.41 2.02 3.12
N ALA A 28 6.55 1.03 3.19
CA ALA A 28 7.04 -0.37 3.03
C ALA A 28 5.90 -1.40 3.08
N GLU A 29 4.98 -1.31 4.00
CA GLU A 29 3.89 -2.34 4.03
C GLU A 29 2.84 -2.15 5.13
N LYS A 30 2.19 -1.01 5.22
CA LYS A 30 1.10 -0.89 6.23
C LYS A 30 -0.19 -0.53 5.53
N ARG A 31 -0.53 0.72 5.45
CA ARG A 31 -1.78 1.09 4.75
C ARG A 31 -1.47 1.86 3.46
N CYS A 32 -2.33 1.79 2.51
CA CYS A 32 -2.08 2.52 1.23
C CYS A 32 -2.08 4.03 1.48
N ARG A 33 -0.98 4.68 1.24
CA ARG A 33 -0.92 6.15 1.48
C ARG A 33 0.01 6.82 0.45
N GLY A 1 -5.63 -8.80 -11.36
CA GLY A 1 -4.69 -8.18 -10.39
C GLY A 1 -5.47 -7.59 -9.22
N ASP A 2 -6.34 -6.65 -9.48
CA ASP A 2 -7.13 -6.04 -8.38
C ASP A 2 -6.21 -5.31 -7.39
N CYS A 3 -6.12 -4.02 -7.49
CA CYS A 3 -5.23 -3.26 -6.56
C CYS A 3 -6.05 -2.73 -5.39
N LEU A 4 -5.41 -2.42 -4.30
CA LEU A 4 -6.15 -1.88 -3.13
C LEU A 4 -6.20 -0.36 -3.18
N PRO A 5 -7.15 0.19 -2.51
CA PRO A 5 -7.33 1.67 -2.48
C PRO A 5 -6.16 2.33 -1.74
N HIS A 6 -6.15 3.64 -1.66
CA HIS A 6 -5.05 4.32 -0.95
C HIS A 6 -5.39 4.45 0.53
N LEU A 7 -6.12 3.51 1.05
CA LEU A 7 -6.49 3.55 2.47
C LEU A 7 -6.77 2.14 2.99
N LYS A 8 -6.10 1.16 2.45
CA LYS A 8 -6.31 -0.24 2.92
C LYS A 8 -4.97 -0.91 3.21
N ARG A 9 -4.94 -1.86 4.10
CA ARG A 9 -3.66 -2.54 4.42
C ARG A 9 -3.12 -3.21 3.16
N CYS A 10 -1.83 -3.12 2.93
CA CYS A 10 -1.25 -3.75 1.70
C CYS A 10 -0.11 -4.69 2.06
N LYS A 11 -0.03 -5.82 1.40
CA LYS A 11 1.08 -6.77 1.67
C LYS A 11 2.30 -6.39 0.85
N ALA A 12 2.13 -5.49 -0.08
CA ALA A 12 3.28 -5.05 -0.93
C ALA A 12 3.04 -3.61 -1.40
N ASP A 13 4.01 -2.76 -1.26
CA ASP A 13 3.83 -1.35 -1.70
C ASP A 13 3.09 -1.29 -3.04
N ASN A 14 3.24 -2.29 -3.87
CA ASN A 14 2.55 -2.28 -5.19
C ASN A 14 1.17 -2.94 -5.11
N ASP A 15 0.67 -3.21 -3.94
CA ASP A 15 -0.67 -3.85 -3.82
C ASP A 15 -1.78 -2.81 -3.88
N CYS A 16 -1.46 -1.57 -3.62
CA CYS A 16 -2.48 -0.48 -3.68
C CYS A 16 -2.72 -0.07 -5.12
N CYS A 17 -3.73 0.70 -5.38
CA CYS A 17 -4.01 1.15 -6.77
C CYS A 17 -3.11 2.34 -7.09
N GLY A 18 -2.49 2.93 -6.09
CA GLY A 18 -1.59 4.07 -6.36
C GLY A 18 -0.15 3.55 -6.42
N LYS A 19 0.04 2.29 -6.11
CA LYS A 19 1.42 1.73 -6.13
C LYS A 19 2.28 2.44 -5.09
N LYS A 20 1.65 3.19 -4.23
CA LYS A 20 2.42 3.92 -3.19
C LYS A 20 1.82 3.64 -1.81
N CYS A 21 2.13 2.51 -1.24
CA CYS A 21 1.59 2.19 0.10
C CYS A 21 2.42 2.96 1.13
N LYS A 22 2.23 2.73 2.40
CA LYS A 22 3.05 3.49 3.39
C LYS A 22 3.15 2.75 4.73
N ARG A 23 4.31 2.24 5.05
CA ARG A 23 4.50 1.52 6.35
C ARG A 23 4.63 2.55 7.48
N ARG A 24 4.82 2.09 8.69
CA ARG A 24 4.97 3.06 9.81
C ARG A 24 6.45 3.40 10.02
N GLY A 25 7.10 3.94 9.01
CA GLY A 25 8.54 4.27 9.14
C GLY A 25 9.07 4.76 7.80
N THR A 26 9.43 3.86 6.93
CA THR A 26 9.96 4.27 5.59
C THR A 26 9.44 3.34 4.49
N ASN A 27 8.16 3.36 4.23
CA ASN A 27 7.59 2.48 3.17
C ASN A 27 7.86 1.02 3.50
N ALA A 28 6.92 0.16 3.24
CA ALA A 28 7.11 -1.29 3.53
C ALA A 28 5.81 -2.05 3.28
N GLU A 29 4.81 -1.80 4.09
CA GLU A 29 3.51 -2.53 3.89
C GLU A 29 2.51 -2.27 5.02
N LYS A 30 2.14 -1.05 5.26
CA LYS A 30 1.12 -0.81 6.33
C LYS A 30 -0.23 -0.52 5.70
N ARG A 31 -0.47 0.72 5.35
CA ARG A 31 -1.77 1.08 4.73
C ARG A 31 -1.51 1.84 3.42
N CYS A 32 -2.33 1.63 2.43
CA CYS A 32 -2.12 2.36 1.14
C CYS A 32 -2.36 3.86 1.35
N ARG A 33 -1.61 4.70 0.67
CA ARG A 33 -1.82 6.17 0.84
C ARG A 33 -1.32 6.91 -0.41
N GLY A 1 -7.45 -2.58 -12.54
CA GLY A 1 -6.38 -3.55 -12.14
C GLY A 1 -6.67 -4.10 -10.75
N ASP A 2 -6.21 -5.29 -10.46
CA ASP A 2 -6.45 -5.87 -9.11
C ASP A 2 -5.52 -5.25 -8.07
N CYS A 3 -5.81 -4.04 -7.66
CA CYS A 3 -4.93 -3.36 -6.65
C CYS A 3 -5.77 -2.92 -5.46
N LEU A 4 -5.14 -2.65 -4.34
CA LEU A 4 -5.91 -2.19 -3.15
C LEU A 4 -6.17 -0.69 -3.24
N PRO A 5 -7.10 -0.23 -2.45
CA PRO A 5 -7.44 1.21 -2.42
C PRO A 5 -6.30 2.04 -1.85
N HIS A 6 -6.41 3.34 -1.86
CA HIS A 6 -5.33 4.18 -1.31
C HIS A 6 -5.57 4.45 0.16
N LEU A 7 -6.22 3.54 0.83
CA LEU A 7 -6.49 3.70 2.26
C LEU A 7 -6.85 2.35 2.91
N LYS A 8 -6.09 1.34 2.64
CA LYS A 8 -6.39 0.01 3.24
C LYS A 8 -5.11 -0.80 3.42
N ARG A 9 -4.99 -1.49 4.53
CA ARG A 9 -3.76 -2.29 4.77
C ARG A 9 -3.37 -3.03 3.49
N CYS A 10 -2.12 -2.96 3.11
CA CYS A 10 -1.68 -3.66 1.86
C CYS A 10 -0.57 -4.66 2.17
N LYS A 11 -0.37 -5.62 1.31
CA LYS A 11 0.72 -6.62 1.55
C LYS A 11 2.00 -6.20 0.83
N ALA A 12 1.88 -5.34 -0.14
CA ALA A 12 3.10 -4.88 -0.88
C ALA A 12 2.90 -3.45 -1.40
N ASP A 13 3.97 -2.80 -1.76
CA ASP A 13 3.86 -1.41 -2.27
C ASP A 13 3.01 -1.35 -3.55
N ASN A 14 3.14 -2.32 -4.41
CA ASN A 14 2.35 -2.32 -5.67
C ASN A 14 0.95 -2.90 -5.44
N ASP A 15 0.69 -3.41 -4.27
CA ASP A 15 -0.65 -3.99 -3.99
C ASP A 15 -1.73 -2.91 -4.08
N CYS A 16 -1.44 -1.73 -3.61
CA CYS A 16 -2.45 -0.63 -3.64
C CYS A 16 -2.58 -0.08 -5.07
N CYS A 17 -3.64 0.62 -5.34
CA CYS A 17 -3.82 1.19 -6.70
C CYS A 17 -2.97 2.45 -6.85
N GLY A 18 -2.39 2.93 -5.78
CA GLY A 18 -1.54 4.14 -5.89
C GLY A 18 -0.08 3.69 -5.98
N LYS A 19 0.16 2.41 -5.78
CA LYS A 19 1.56 1.90 -5.84
C LYS A 19 2.41 2.66 -4.83
N LYS A 20 1.77 3.30 -3.88
CA LYS A 20 2.51 4.06 -2.85
C LYS A 20 1.96 3.72 -1.47
N CYS A 21 2.06 2.49 -1.08
CA CYS A 21 1.54 2.10 0.26
C CYS A 21 2.57 2.51 1.32
N LYS A 22 2.16 3.15 2.38
CA LYS A 22 3.14 3.58 3.41
C LYS A 22 3.32 2.51 4.49
N ARG A 23 4.40 2.60 5.22
CA ARG A 23 4.69 1.64 6.32
C ARG A 23 5.32 2.40 7.50
N ARG A 24 5.54 1.74 8.60
CA ARG A 24 6.19 2.44 9.75
C ARG A 24 7.71 2.41 9.56
N GLY A 25 8.16 2.79 8.40
CA GLY A 25 9.62 2.77 8.11
C GLY A 25 9.82 2.24 6.69
N THR A 26 10.78 2.77 5.96
CA THR A 26 11.04 2.30 4.57
C THR A 26 9.72 1.95 3.87
N ASN A 27 8.71 2.73 4.14
CA ASN A 27 7.35 2.51 3.54
C ASN A 27 7.18 1.12 2.93
N ALA A 28 7.44 0.08 3.68
CA ALA A 28 7.26 -1.28 3.11
C ALA A 28 5.80 -1.48 2.69
N GLU A 29 4.89 -1.57 3.63
CA GLU A 29 3.46 -1.76 3.24
C GLU A 29 2.51 -1.76 4.45
N LYS A 30 2.33 -0.66 5.14
CA LYS A 30 1.36 -0.67 6.27
C LYS A 30 -0.05 -0.55 5.70
N ARG A 31 -0.38 0.62 5.22
CA ARG A 31 -1.73 0.84 4.61
C ARG A 31 -1.58 1.71 3.37
N CYS A 32 -2.28 1.40 2.32
CA CYS A 32 -2.15 2.24 1.09
C CYS A 32 -2.19 3.72 1.47
N ARG A 33 -1.21 4.48 1.07
CA ARG A 33 -1.20 5.92 1.43
C ARG A 33 -0.38 6.71 0.39
#